data_8PDO
#
_entry.id   8PDO
#
_cell.length_a   1.00
_cell.length_b   1.00
_cell.length_c   1.00
_cell.angle_alpha   90.00
_cell.angle_beta   90.00
_cell.angle_gamma   90.00
#
_symmetry.space_group_name_H-M   'P 1'
#
loop_
_entity.id
_entity.type
_entity.pdbx_description
1 polymer Nucleoprotein
2 polymer RNA
#
loop_
_entity_poly.entity_id
_entity_poly.type
_entity_poly.pdbx_seq_one_letter_code
_entity_poly.pdbx_strand_id
1 'polypeptide(L)'
;MSLQGIHLSDLSYKHAILKESQYTIKRDVGTTTAVTPSSLQQEITLLCGEILYAKHADYKYAAEIGIQYISTALGSERVQ
QILRNSGSEVQVVLTRTYSLGKIKNNKGEDLQMLDIHGVEKSWVEEIDKEARKTMATLLKESSGNIPQNQRPSAPDTPII
LLCVGALIFTKLASTIEVGLETTVRRANRVLSDALKRYPRMDIPKIARSFYDLFEQKVYHRSLFIEYGKALGSSSTGSKA
ESLFVNIFMQAYGAGQTMLRWGVIARSSNNIMLGHVSVQAELKQVTEVYDLVREMGPESGLLHLRQSPKAGLLSLANCPN
FASVVLGNASGLGIIGMYRGRVPNTELFSAAESYAKSLKESNKINFSSLGLTDEEKEAAEHFLNVSDDSQNDYE
;
A,B
2 'polyribonucleotide' CCCCCCCCCCCCCC C
#
# COMPACT_ATOMS: atom_id res chain seq x y z
N LEU A 3 -16.86 -6.82 -31.66
CA LEU A 3 -16.07 -7.05 -30.44
C LEU A 3 -15.21 -5.85 -30.11
N GLN A 4 -15.43 -4.75 -30.82
CA GLN A 4 -14.63 -3.56 -30.58
C GLN A 4 -15.00 -2.89 -29.26
N GLY A 5 -16.27 -3.00 -28.86
CA GLY A 5 -16.75 -2.31 -27.68
C GLY A 5 -16.59 -3.07 -26.39
N ILE A 6 -16.06 -4.29 -26.42
CA ILE A 6 -15.89 -5.09 -25.22
C ILE A 6 -14.58 -4.72 -24.55
N HIS A 7 -14.61 -3.64 -23.78
CA HIS A 7 -13.42 -3.04 -23.20
C HIS A 7 -13.80 -2.39 -21.87
N LEU A 8 -12.94 -2.54 -20.87
CA LEU A 8 -13.32 -2.16 -19.50
C LEU A 8 -12.52 -0.99 -18.94
N SER A 9 -11.19 -1.08 -18.96
CA SER A 9 -10.31 -0.06 -18.38
C SER A 9 -10.57 0.09 -16.87
N ASP A 10 -10.29 -0.99 -16.16
CA ASP A 10 -10.46 -1.05 -14.71
C ASP A 10 -9.37 -0.31 -13.95
N LEU A 11 -8.12 -0.42 -14.39
CA LEU A 11 -7.02 0.15 -13.61
C LEU A 11 -7.07 1.67 -13.61
N SER A 12 -7.39 2.27 -14.76
CA SER A 12 -7.59 3.71 -14.82
C SER A 12 -8.73 4.15 -13.92
N TYR A 13 -9.81 3.39 -13.83
CA TYR A 13 -10.92 3.73 -12.96
C TYR A 13 -10.53 3.63 -11.49
N LYS A 14 -9.76 2.61 -11.13
CA LYS A 14 -9.27 2.49 -9.76
C LYS A 14 -8.41 3.69 -9.39
N HIS A 15 -7.49 4.08 -10.28
CA HIS A 15 -6.67 5.24 -9.98
C HIS A 15 -7.50 6.51 -9.94
N ALA A 16 -8.53 6.60 -10.79
CA ALA A 16 -9.39 7.77 -10.76
C ALA A 16 -10.13 7.88 -9.43
N ILE A 17 -10.59 6.75 -8.89
CA ILE A 17 -11.23 6.77 -7.58
C ILE A 17 -10.24 7.19 -6.50
N LEU A 18 -9.05 6.61 -6.52
CA LEU A 18 -8.07 6.93 -5.48
C LEU A 18 -7.64 8.40 -5.55
N LYS A 19 -7.43 8.91 -6.76
CA LYS A 19 -6.94 10.28 -6.91
C LYS A 19 -8.03 11.30 -6.61
N GLU A 20 -9.25 11.07 -7.13
CA GLU A 20 -10.35 12.01 -6.94
C GLU A 20 -11.04 11.75 -5.60
N SER A 21 -10.39 12.20 -4.53
CA SER A 21 -10.93 12.11 -3.18
C SER A 21 -11.05 13.52 -2.62
N GLN A 22 -12.24 13.86 -2.14
CA GLN A 22 -12.50 15.17 -1.57
C GLN A 22 -12.20 15.23 -0.07
N TYR A 23 -11.73 14.15 0.52
CA TYR A 23 -11.51 14.06 1.96
C TYR A 23 -10.06 13.74 2.24
N THR A 24 -9.51 14.39 3.27
CA THR A 24 -8.13 14.19 3.65
C THR A 24 -8.05 13.31 4.89
N ILE A 25 -7.12 12.38 4.86
CA ILE A 25 -6.92 11.45 5.97
C ILE A 25 -6.25 12.19 7.11
N LYS A 26 -6.40 11.69 8.33
CA LYS A 26 -5.75 12.26 9.49
C LYS A 26 -5.17 11.13 10.33
N ARG A 27 -3.87 11.21 10.58
CA ARG A 27 -3.20 10.18 11.37
C ARG A 27 -2.13 10.82 12.23
N ASP A 28 -1.68 10.07 13.22
CA ASP A 28 -0.68 10.55 14.17
C ASP A 28 -1.14 11.86 14.82
N VAL A 29 -2.42 11.92 15.17
CA VAL A 29 -3.01 13.17 15.62
C VAL A 29 -2.37 13.63 16.92
N GLY A 30 -2.19 12.72 17.88
CA GLY A 30 -1.69 13.10 19.18
C GLY A 30 -0.19 12.97 19.33
N THR A 31 0.51 12.80 18.21
CA THR A 31 1.93 12.52 18.21
C THR A 31 2.73 13.79 17.92
N THR A 32 4.01 13.76 18.29
CA THR A 32 4.92 14.85 18.04
C THR A 32 6.26 14.31 17.56
N THR A 33 7.03 15.17 16.91
CA THR A 33 8.36 14.83 16.42
C THR A 33 9.29 16.02 16.63
N ALA A 34 10.58 15.76 16.49
CA ALA A 34 11.61 16.76 16.78
C ALA A 34 12.20 17.31 15.49
N VAL A 35 12.46 18.61 15.49
CA VAL A 35 13.27 19.24 14.45
C VAL A 35 14.30 20.13 15.13
N THR A 36 15.30 20.51 14.37
CA THR A 36 16.38 21.37 14.81
C THR A 36 16.48 22.56 13.88
N PRO A 37 16.41 23.79 14.40
CA PRO A 37 16.45 24.96 13.53
C PRO A 37 17.83 25.15 12.90
N SER A 38 17.84 25.86 11.77
CA SER A 38 19.09 26.07 11.05
C SER A 38 20.12 26.77 11.92
N SER A 39 19.67 27.55 12.91
CA SER A 39 20.59 28.24 13.79
C SER A 39 21.47 27.29 14.60
N LEU A 40 21.09 26.01 14.67
CA LEU A 40 21.86 25.00 15.36
C LEU A 40 22.64 24.09 14.43
N GLN A 41 22.71 24.40 13.14
CA GLN A 41 23.36 23.49 12.20
C GLN A 41 24.82 23.25 12.59
N GLN A 42 25.56 24.33 12.86
CA GLN A 42 26.95 24.19 13.25
C GLN A 42 27.11 23.30 14.47
N GLU A 43 26.07 23.20 15.31
CA GLU A 43 26.11 22.31 16.44
C GLU A 43 25.78 20.88 16.04
N ILE A 44 24.71 20.70 15.25
CA ILE A 44 24.31 19.34 14.90
C ILE A 44 25.40 18.67 14.08
N THR A 45 26.10 19.44 13.24
CA THR A 45 27.23 18.89 12.50
C THR A 45 28.19 18.18 13.44
N LEU A 46 28.56 18.85 14.53
CA LEU A 46 29.46 18.22 15.49
C LEU A 46 28.90 16.88 15.93
N LEU A 47 27.63 16.87 16.35
CA LEU A 47 27.03 15.60 16.77
C LEU A 47 27.07 14.58 15.64
N CYS A 48 26.70 14.99 14.44
CA CYS A 48 26.64 14.06 13.32
C CYS A 48 28.01 13.50 12.97
N GLY A 49 29.08 14.10 13.48
CA GLY A 49 30.41 13.61 13.22
C GLY A 49 30.97 12.88 14.40
N GLU A 50 30.48 13.19 15.60
CA GLU A 50 30.93 12.48 16.77
C GLU A 50 30.34 11.08 16.84
N ILE A 51 29.41 10.77 15.95
CA ILE A 51 28.94 9.42 15.75
C ILE A 51 29.89 8.63 14.85
N LEU A 52 30.75 9.33 14.10
CA LEU A 52 31.43 8.66 13.00
C LEU A 52 32.84 8.23 13.36
N TYR A 53 33.55 8.96 14.23
CA TYR A 53 34.95 8.57 14.38
C TYR A 53 35.21 7.85 15.69
N ALA A 54 34.17 7.57 16.47
CA ALA A 54 34.31 6.86 17.73
C ALA A 54 33.52 5.56 17.67
N LYS A 55 33.86 4.64 18.55
CA LYS A 55 33.24 3.32 18.58
C LYS A 55 32.24 3.30 19.74
N HIS A 56 30.97 3.43 19.40
CA HIS A 56 29.90 3.62 20.38
C HIS A 56 29.19 2.31 20.65
N ALA A 57 28.85 2.09 21.93
CA ALA A 57 28.08 0.90 22.30
C ALA A 57 26.67 0.97 21.74
N ASP A 58 26.03 2.14 21.79
CA ASP A 58 24.66 2.30 21.32
C ASP A 58 24.62 3.30 20.18
N TYR A 59 24.11 2.86 19.03
CA TYR A 59 23.92 3.69 17.85
C TYR A 59 22.44 3.91 17.58
N LYS A 60 21.65 4.12 18.63
CA LYS A 60 20.20 3.98 18.51
C LYS A 60 19.57 5.16 17.76
N TYR A 61 20.06 6.37 18.00
CA TYR A 61 19.44 7.56 17.45
C TYR A 61 20.27 8.25 16.39
N ALA A 62 21.17 7.53 15.72
CA ALA A 62 21.96 8.15 14.66
C ALA A 62 21.07 8.63 13.54
N ALA A 63 20.02 7.86 13.23
CA ALA A 63 19.09 8.27 12.18
C ALA A 63 18.37 9.55 12.55
N GLU A 64 17.97 9.69 13.82
CA GLU A 64 17.33 10.92 14.24
C GLU A 64 18.27 12.10 14.14
N ILE A 65 19.57 11.89 14.38
CA ILE A 65 20.52 12.99 14.21
C ILE A 65 20.70 13.36 12.75
N GLY A 66 20.70 12.38 11.85
CA GLY A 66 20.72 12.72 10.43
C GLY A 66 19.50 13.51 10.01
N ILE A 67 18.33 13.10 10.51
CA ILE A 67 17.10 13.83 10.20
C ILE A 67 17.12 15.21 10.84
N GLN A 68 17.75 15.35 11.99
CA GLN A 68 17.93 16.67 12.58
C GLN A 68 18.76 17.57 11.66
N TYR A 69 19.83 17.03 11.09
CA TYR A 69 20.61 17.83 10.16
C TYR A 69 19.77 18.21 8.95
N ILE A 70 18.95 17.29 8.45
CA ILE A 70 18.05 17.61 7.34
C ILE A 70 17.14 18.77 7.72
N SER A 71 16.63 18.75 8.94
CA SER A 71 15.76 19.82 9.42
C SER A 71 16.49 21.15 9.52
N THR A 72 17.77 21.13 9.91
CA THR A 72 18.54 22.37 9.88
C THR A 72 18.71 22.86 8.46
N ALA A 73 18.92 21.94 7.52
CA ALA A 73 19.15 22.35 6.13
C ALA A 73 17.90 22.97 5.52
N LEU A 74 16.76 22.29 5.64
CA LEU A 74 15.53 22.79 5.02
C LEU A 74 14.94 23.94 5.83
N GLY A 75 15.03 23.87 7.14
CA GLY A 75 14.41 24.83 8.05
C GLY A 75 13.27 24.19 8.81
N SER A 76 13.03 24.69 10.01
CA SER A 76 12.00 24.11 10.86
C SER A 76 10.61 24.28 10.25
N GLU A 77 10.30 25.46 9.73
CA GLU A 77 8.97 25.71 9.18
C GLU A 77 8.72 24.90 7.92
N ARG A 78 9.70 24.84 7.02
CA ARG A 78 9.57 24.02 5.83
C ARG A 78 9.43 22.54 6.18
N VAL A 79 10.10 22.11 7.26
CA VAL A 79 10.01 20.72 7.66
C VAL A 79 8.63 20.42 8.24
N GLN A 80 8.08 21.35 9.02
CA GLN A 80 6.71 21.19 9.51
C GLN A 80 5.73 21.10 8.34
N GLN A 81 5.90 21.97 7.36
CA GLN A 81 5.04 21.93 6.18
C GLN A 81 5.17 20.61 5.44
N ILE A 82 6.39 20.11 5.30
CA ILE A 82 6.61 18.83 4.63
C ILE A 82 5.90 17.70 5.38
N LEU A 83 6.01 17.69 6.70
CA LEU A 83 5.33 16.66 7.49
C LEU A 83 3.82 16.78 7.36
N ARG A 84 3.29 18.00 7.33
CA ARG A 84 1.86 18.21 7.18
C ARG A 84 1.33 17.75 5.83
N ASN A 85 2.03 18.06 4.73
CA ASN A 85 1.57 17.64 3.42
C ASN A 85 1.82 16.17 3.14
N SER A 86 2.46 15.44 4.04
CA SER A 86 2.67 14.01 3.86
C SER A 86 1.54 13.18 4.43
N GLY A 87 0.45 13.81 4.85
CA GLY A 87 -0.68 13.10 5.41
C GLY A 87 -0.58 12.79 6.89
N SER A 88 0.41 13.34 7.59
CA SER A 88 0.65 13.04 8.99
C SER A 88 0.53 14.32 9.80
N GLU A 89 -0.29 14.29 10.85
CA GLU A 89 -0.52 15.46 11.69
C GLU A 89 0.37 15.42 12.93
N VAL A 90 1.67 15.27 12.68
CA VAL A 90 2.68 15.29 13.73
C VAL A 90 3.02 16.73 14.04
N GLN A 91 2.97 17.07 15.32
CA GLN A 91 3.34 18.42 15.74
C GLN A 91 4.84 18.49 15.99
N VAL A 92 5.49 19.32 15.21
CA VAL A 92 6.92 19.57 15.32
C VAL A 92 7.25 20.15 16.68
N VAL A 93 8.30 19.62 17.31
CA VAL A 93 8.86 20.16 18.54
C VAL A 93 10.27 20.66 18.24
N LEU A 94 10.55 21.91 18.64
CA LEU A 94 11.84 22.51 18.34
C LEU A 94 12.93 21.91 19.21
N THR A 95 14.17 22.25 18.87
CA THR A 95 15.35 21.77 19.57
C THR A 95 15.98 22.91 20.36
N ARG A 96 16.43 22.60 21.56
CA ARG A 96 17.05 23.59 22.45
C ARG A 96 18.46 23.14 22.81
N THR A 97 19.18 24.04 23.46
CA THR A 97 20.54 23.78 23.90
C THR A 97 20.63 23.88 25.41
N TYR A 98 21.61 23.20 25.98
CA TYR A 98 21.81 23.23 27.42
C TYR A 98 23.29 22.98 27.73
N SER A 99 23.68 23.31 28.96
CA SER A 99 25.06 23.17 29.38
C SER A 99 25.23 22.05 30.41
N GLN A 112 28.32 23.65 24.93
CA GLN A 112 26.91 23.32 25.05
C GLN A 112 26.54 22.10 24.22
N MET A 113 25.40 21.50 24.54
CA MET A 113 24.90 20.30 23.88
C MET A 113 23.43 20.50 23.53
N LEU A 114 22.87 19.55 22.80
CA LEU A 114 21.53 19.63 22.27
C LEU A 114 20.57 18.77 23.09
N ASP A 115 19.35 19.25 23.26
CA ASP A 115 18.27 18.50 23.89
C ASP A 115 17.21 18.28 22.80
N ILE A 116 17.36 17.21 22.06
CA ILE A 116 16.47 16.89 20.95
C ILE A 116 15.31 16.08 21.51
N HIS A 117 14.10 16.42 21.06
CA HIS A 117 12.89 15.78 21.56
C HIS A 117 12.82 14.34 21.08
N GLY A 118 12.58 13.42 22.01
CA GLY A 118 12.56 12.01 21.69
C GLY A 118 13.92 11.36 21.65
N VAL A 119 14.99 12.14 21.85
CA VAL A 119 16.35 11.63 21.94
C VAL A 119 16.82 11.89 23.37
N GLU A 120 17.12 10.81 24.09
CA GLU A 120 17.48 10.94 25.49
C GLU A 120 18.78 11.70 25.65
N LYS A 121 18.83 12.61 26.62
CA LYS A 121 20.04 13.39 26.85
C LYS A 121 21.19 12.50 27.28
N SER A 122 20.90 11.36 27.90
CA SER A 122 21.94 10.41 28.24
C SER A 122 22.66 9.92 27.00
N TRP A 123 21.91 9.66 25.92
CA TRP A 123 22.51 9.21 24.67
C TRP A 123 23.44 10.27 24.09
N VAL A 124 22.99 11.52 24.04
CA VAL A 124 23.81 12.60 23.49
C VAL A 124 25.07 12.78 24.33
N GLU A 125 24.94 12.74 25.65
CA GLU A 125 26.12 12.86 26.51
C GLU A 125 27.08 11.70 26.29
N GLU A 126 26.55 10.48 26.14
CA GLU A 126 27.40 9.32 25.89
C GLU A 126 28.17 9.45 24.59
N ILE A 127 27.49 9.86 23.52
CA ILE A 127 28.16 10.00 22.22
C ILE A 127 29.24 11.08 22.30
N ASP A 128 28.91 12.22 22.92
CA ASP A 128 29.90 13.28 23.02
C ASP A 128 31.09 12.85 23.85
N LYS A 129 30.86 12.20 24.99
CA LYS A 129 31.97 11.78 25.84
C LYS A 129 32.84 10.74 25.15
N GLU A 130 32.21 9.78 24.46
CA GLU A 130 32.97 8.76 23.74
C GLU A 130 33.85 9.39 22.68
N ALA A 131 33.30 10.34 21.91
CA ALA A 131 34.09 10.99 20.89
C ALA A 131 35.23 11.82 21.49
N ARG A 132 34.96 12.52 22.60
CA ARG A 132 36.02 13.31 23.23
C ARG A 132 37.13 12.42 23.76
N LYS A 133 36.78 11.30 24.36
CA LYS A 133 37.79 10.36 24.87
C LYS A 133 38.62 9.77 23.73
N THR A 134 37.96 9.38 22.63
CA THR A 134 38.71 8.85 21.49
C THR A 134 39.63 9.92 20.91
N MET A 135 39.16 11.16 20.82
CA MET A 135 40.01 12.23 20.30
C MET A 135 41.21 12.46 21.20
N ALA A 136 41.00 12.45 22.52
CA ALA A 136 42.11 12.62 23.44
C ALA A 136 43.11 11.47 23.32
N THR A 137 42.61 10.24 23.17
CA THR A 137 43.51 9.10 23.03
C THR A 137 44.31 9.16 21.73
N LEU A 138 43.66 9.53 20.62
CA LEU A 138 44.36 9.65 19.35
C LEU A 138 45.22 10.90 19.24
N LEU A 139 45.06 11.84 20.17
CA LEU A 139 45.95 13.01 20.17
C LEU A 139 47.12 12.84 21.12
N LYS A 140 46.91 12.17 22.25
CA LYS A 140 47.98 11.98 23.22
C LYS A 140 49.03 11.00 22.69
N GLU A 141 48.59 9.86 22.17
CA GLU A 141 49.54 8.86 21.69
C GLU A 141 50.18 9.30 20.38
N SER A 142 49.39 9.81 19.44
CA SER A 142 49.92 10.10 18.11
C SER A 142 50.75 11.38 18.13
N SER A 143 51.17 11.80 16.95
CA SER A 143 52.07 12.93 16.78
C SER A 143 51.35 14.28 16.71
N GLY A 144 50.04 14.29 16.91
CA GLY A 144 49.30 15.54 16.88
C GLY A 144 49.24 16.21 15.52
N ASN A 145 48.98 15.44 14.46
CA ASN A 145 48.86 16.00 13.13
C ASN A 145 47.51 15.66 12.53
N ILE A 146 46.44 15.85 13.31
CA ILE A 146 45.10 15.50 12.84
C ILE A 146 44.72 16.44 11.69
N PRO A 147 44.41 15.92 10.51
CA PRO A 147 44.04 16.78 9.40
C PRO A 147 42.67 17.38 9.58
N GLN A 148 42.29 18.24 8.64
CA GLN A 148 41.05 18.98 8.76
C GLN A 148 39.84 18.09 8.48
N ASN A 149 40.05 16.96 7.81
CA ASN A 149 38.93 16.10 7.47
C ASN A 149 38.72 15.00 8.50
N GLN A 150 39.70 14.79 9.38
CA GLN A 150 39.58 13.69 10.32
C GLN A 150 38.90 14.08 11.62
N ARG A 151 38.58 15.36 11.82
CA ARG A 151 37.98 15.78 13.08
C ARG A 151 36.46 15.71 13.01
N PRO A 152 35.80 15.55 14.16
CA PRO A 152 34.32 15.45 14.16
C PRO A 152 33.61 16.66 13.62
N SER A 153 34.16 17.85 13.77
CA SER A 153 33.49 19.07 13.32
C SER A 153 33.64 19.30 11.82
N ALA A 154 34.01 18.27 11.06
CA ALA A 154 34.04 18.40 9.62
C ALA A 154 32.64 18.68 9.09
N PRO A 155 32.51 19.49 8.05
CA PRO A 155 31.16 19.87 7.59
C PRO A 155 30.49 18.86 6.69
N ASP A 156 31.19 17.80 6.25
CA ASP A 156 30.54 16.76 5.46
C ASP A 156 30.19 15.53 6.29
N THR A 157 30.47 15.53 7.59
CA THR A 157 30.08 14.40 8.43
C THR A 157 28.57 14.18 8.47
N PRO A 158 27.71 15.19 8.59
CA PRO A 158 26.27 14.89 8.51
C PRO A 158 25.88 14.28 7.18
N ILE A 159 26.53 14.67 6.09
CA ILE A 159 26.23 14.07 4.80
C ILE A 159 26.80 12.66 4.73
N ILE A 160 27.92 12.40 5.42
CA ILE A 160 28.44 11.04 5.47
C ILE A 160 27.49 10.10 6.19
N LEU A 161 26.91 10.55 7.30
CA LEU A 161 25.88 9.76 7.98
C LEU A 161 24.64 9.60 7.11
N LEU A 162 24.21 10.67 6.45
CA LEU A 162 23.06 10.56 5.57
C LEU A 162 23.35 9.71 4.35
N CYS A 163 24.62 9.45 4.03
CA CYS A 163 24.94 8.54 2.94
C CYS A 163 24.68 7.09 3.33
N VAL A 164 25.03 6.70 4.56
CA VAL A 164 24.59 5.41 5.07
C VAL A 164 23.08 5.34 5.10
N GLY A 165 22.44 6.42 5.53
CA GLY A 165 20.98 6.48 5.48
C GLY A 165 20.39 6.32 4.09
N ALA A 166 21.04 6.89 3.08
CA ALA A 166 20.56 6.76 1.71
C ALA A 166 20.83 5.37 1.15
N LEU A 167 21.92 4.73 1.58
CA LEU A 167 22.18 3.36 1.16
C LEU A 167 21.12 2.42 1.71
N ILE A 168 20.74 2.60 2.97
CA ILE A 168 19.68 1.77 3.55
C ILE A 168 18.31 2.24 3.06
N PHE A 169 18.22 3.45 2.51
CA PHE A 169 16.99 3.92 1.92
C PHE A 169 16.66 3.19 0.63
N THR A 170 17.67 2.86 -0.17
CA THR A 170 17.43 2.16 -1.42
C THR A 170 16.92 0.74 -1.20
N LYS A 171 17.04 0.23 0.02
CA LYS A 171 16.61 -1.12 0.37
C LYS A 171 15.43 -1.12 1.34
N LEU A 172 14.48 -0.20 1.16
CA LEU A 172 13.33 -0.17 2.05
C LEU A 172 12.23 -1.08 1.55
N ALA A 173 12.22 -1.36 0.24
CA ALA A 173 11.29 -2.34 -0.30
C ALA A 173 11.75 -3.76 0.00
N SER A 174 13.06 -3.95 0.18
CA SER A 174 13.60 -5.26 0.48
C SER A 174 13.41 -5.57 1.97
N THR A 175 14.04 -6.65 2.41
CA THR A 175 13.95 -7.05 3.80
C THR A 175 15.04 -6.37 4.63
N ILE A 176 15.00 -6.59 5.94
CA ILE A 176 15.95 -5.96 6.83
C ILE A 176 17.34 -6.57 6.67
N GLU A 177 17.43 -7.90 6.61
CA GLU A 177 18.74 -8.55 6.54
C GLU A 177 19.42 -8.28 5.22
N VAL A 178 18.66 -8.36 4.12
CA VAL A 178 19.21 -8.03 2.81
C VAL A 178 19.62 -6.58 2.77
N GLY A 179 18.80 -5.70 3.34
CA GLY A 179 19.15 -4.29 3.36
C GLY A 179 20.44 -4.01 4.11
N LEU A 180 20.60 -4.61 5.28
CA LEU A 180 21.82 -4.38 6.05
C LEU A 180 23.05 -4.96 5.36
N GLU A 181 22.93 -6.18 4.83
CA GLU A 181 24.06 -6.78 4.13
C GLU A 181 24.47 -5.95 2.93
N THR A 182 23.49 -5.51 2.14
CA THR A 182 23.78 -4.69 0.97
C THR A 182 24.35 -3.34 1.36
N THR A 183 23.84 -2.75 2.44
CA THR A 183 24.36 -1.47 2.89
C THR A 183 25.84 -1.58 3.25
N VAL A 184 26.20 -2.61 4.03
CA VAL A 184 27.59 -2.75 4.42
C VAL A 184 28.48 -3.03 3.20
N ARG A 185 28.02 -3.93 2.33
CA ARG A 185 28.81 -4.28 1.15
C ARG A 185 29.05 -3.07 0.26
N ARG A 186 28.00 -2.28 0.02
CA ARG A 186 28.13 -1.13 -0.87
C ARG A 186 28.83 0.03 -0.19
N ALA A 187 28.77 0.11 1.14
CA ALA A 187 29.40 1.22 1.82
C ALA A 187 30.89 1.01 1.97
N ASN A 188 31.36 -0.24 1.92
CA ASN A 188 32.81 -0.41 1.91
C ASN A 188 33.47 0.15 0.65
N ARG A 189 32.70 0.42 -0.40
CA ARG A 189 33.24 0.95 -1.65
C ARG A 189 32.75 2.35 -1.96
N VAL A 190 31.45 2.60 -1.82
CA VAL A 190 30.88 3.92 -2.03
C VAL A 190 31.47 4.91 -1.03
N LEU A 191 31.54 4.53 0.24
CA LEU A 191 32.04 5.40 1.31
C LEU A 191 33.45 5.03 1.73
N SER A 192 34.32 4.68 0.79
CA SER A 192 35.68 4.30 1.15
C SER A 192 36.44 5.48 1.72
N ASP A 193 36.27 6.67 1.15
CA ASP A 193 37.02 7.84 1.60
C ASP A 193 36.65 8.22 3.03
N ALA A 194 35.36 8.20 3.35
CA ALA A 194 34.93 8.47 4.71
C ALA A 194 35.45 7.42 5.68
N LEU A 195 35.45 6.16 5.26
CA LEU A 195 36.00 5.09 6.09
C LEU A 195 37.49 5.31 6.35
N LYS A 196 38.24 5.76 5.34
CA LYS A 196 39.65 6.09 5.57
C LYS A 196 39.78 7.26 6.54
N ARG A 197 38.95 8.29 6.38
CA ARG A 197 38.98 9.43 7.28
C ARG A 197 38.58 9.04 8.69
N TYR A 198 37.52 8.22 8.82
CA TYR A 198 37.06 7.75 10.12
C TYR A 198 37.20 6.24 10.16
N PRO A 199 38.33 5.71 10.62
CA PRO A 199 38.52 4.26 10.60
C PRO A 199 37.45 3.50 11.37
N ARG A 200 36.92 4.08 12.44
CA ARG A 200 35.98 3.38 13.30
C ARG A 200 34.61 4.04 13.16
N MET A 201 33.92 3.70 12.08
CA MET A 201 32.52 4.05 11.86
C MET A 201 31.78 2.75 11.55
N ASP A 202 30.74 2.48 12.31
CA ASP A 202 30.08 1.18 12.24
C ASP A 202 28.89 1.30 11.32
N ILE A 203 29.13 1.05 10.02
CA ILE A 203 28.03 1.08 9.06
C ILE A 203 26.90 0.13 9.41
N PRO A 204 27.15 -1.09 9.92
CA PRO A 204 26.02 -1.94 10.31
C PRO A 204 25.06 -1.32 11.33
N LYS A 205 25.57 -0.75 12.42
CA LYS A 205 24.68 -0.23 13.46
C LYS A 205 23.99 1.04 13.02
N ILE A 206 24.69 1.91 12.30
CA ILE A 206 24.06 3.12 11.77
C ILE A 206 22.98 2.76 10.75
N ALA A 207 23.26 1.75 9.92
CA ALA A 207 22.25 1.31 8.95
C ALA A 207 21.04 0.71 9.64
N ARG A 208 21.26 -0.05 10.72
CA ARG A 208 20.15 -0.55 11.52
C ARG A 208 19.33 0.59 12.11
N SER A 209 19.99 1.62 12.62
CA SER A 209 19.28 2.77 13.17
C SER A 209 18.44 3.45 12.10
N PHE A 210 18.99 3.61 10.89
CA PHE A 210 18.24 4.27 9.83
C PHE A 210 17.06 3.42 9.37
N TYR A 211 17.24 2.10 9.31
CA TYR A 211 16.12 1.24 8.97
C TYR A 211 15.01 1.33 10.01
N ASP A 212 15.39 1.34 11.29
CA ASP A 212 14.41 1.51 12.35
C ASP A 212 13.66 2.83 12.23
N LEU A 213 14.37 3.93 11.97
CA LEU A 213 13.70 5.22 11.80
C LEU A 213 12.73 5.19 10.64
N PHE A 214 13.16 4.66 9.50
CA PHE A 214 12.30 4.66 8.32
C PHE A 214 11.06 3.80 8.54
N GLU A 215 11.19 2.71 9.31
CA GLU A 215 10.02 1.88 9.56
C GLU A 215 9.07 2.51 10.57
N GLN A 216 9.61 3.09 11.65
CA GLN A 216 8.76 3.64 12.70
C GLN A 216 8.08 4.92 12.23
N LYS A 217 8.87 5.92 11.87
CA LYS A 217 8.35 7.21 11.43
C LYS A 217 8.35 7.24 9.90
N VAL A 218 7.17 7.00 9.31
CA VAL A 218 7.04 6.94 7.86
C VAL A 218 7.04 8.32 7.23
N TYR A 219 6.66 9.37 7.96
CA TYR A 219 6.75 10.72 7.44
C TYR A 219 8.19 11.16 7.22
N HIS A 220 9.15 10.55 7.91
CA HIS A 220 10.55 10.85 7.70
C HIS A 220 11.05 10.34 6.36
N ARG A 221 10.37 9.36 5.76
CA ARG A 221 10.65 9.05 4.36
C ARG A 221 10.34 10.25 3.47
N SER A 222 9.20 10.91 3.71
CA SER A 222 8.88 12.12 2.96
C SER A 222 9.88 13.23 3.23
N LEU A 223 10.29 13.41 4.48
CA LEU A 223 11.30 14.41 4.78
C LEU A 223 12.62 14.11 4.07
N PHE A 224 13.01 12.84 4.04
CA PHE A 224 14.27 12.44 3.43
C PHE A 224 14.22 12.64 1.93
N ILE A 225 13.07 12.35 1.32
CA ILE A 225 12.89 12.60 -0.11
C ILE A 225 12.91 14.10 -0.41
N GLU A 226 12.31 14.92 0.47
CA GLU A 226 12.35 16.36 0.26
C GLU A 226 13.78 16.89 0.37
N TYR A 227 14.58 16.33 1.28
CA TYR A 227 15.98 16.71 1.31
C TYR A 227 16.70 16.29 0.03
N GLY A 228 16.40 15.10 -0.47
CA GLY A 228 17.00 14.68 -1.73
C GLY A 228 16.68 15.64 -2.87
N LYS A 229 15.44 16.09 -2.94
CA LYS A 229 15.04 17.05 -3.98
C LYS A 229 15.71 18.40 -3.77
N ALA A 230 15.69 18.90 -2.54
CA ALA A 230 16.28 20.20 -2.25
C ALA A 230 17.78 20.20 -2.45
N LEU A 231 18.41 19.04 -2.39
CA LEU A 231 19.84 18.89 -2.66
C LEU A 231 20.14 18.74 -4.14
N GLY A 232 19.37 17.91 -4.84
CA GLY A 232 19.57 17.78 -6.27
C GLY A 232 19.28 19.05 -7.04
N SER A 233 18.35 19.86 -6.54
CA SER A 233 18.03 21.12 -7.19
C SER A 233 19.05 22.21 -6.91
N SER A 234 20.01 21.97 -6.02
CA SER A 234 20.97 23.00 -5.67
C SER A 234 21.92 23.28 -6.84
N SER A 235 22.42 24.51 -6.88
CA SER A 235 23.33 24.92 -7.93
C SER A 235 24.74 24.40 -7.73
N THR A 236 25.17 24.24 -6.48
CA THR A 236 26.49 23.75 -6.14
C THR A 236 26.36 22.73 -5.01
N GLY A 237 27.40 21.92 -4.85
CA GLY A 237 27.44 20.96 -3.77
C GLY A 237 28.80 20.34 -3.65
N SER A 238 29.07 19.80 -2.46
CA SER A 238 30.32 19.10 -2.21
C SER A 238 30.23 17.71 -2.79
N LYS A 239 31.34 16.96 -2.69
CA LYS A 239 31.32 15.60 -3.21
C LYS A 239 30.45 14.69 -2.36
N ALA A 240 30.32 14.98 -1.06
CA ALA A 240 29.42 14.21 -0.21
C ALA A 240 27.98 14.37 -0.65
N GLU A 241 27.56 15.60 -0.97
CA GLU A 241 26.19 15.82 -1.39
C GLU A 241 25.92 15.24 -2.77
N SER A 242 26.92 15.28 -3.65
CA SER A 242 26.77 14.63 -4.95
C SER A 242 26.65 13.12 -4.80
N LEU A 243 27.42 12.52 -3.88
CA LEU A 243 27.28 11.10 -3.60
C LEU A 243 25.90 10.78 -3.02
N PHE A 244 25.43 11.60 -2.09
CA PHE A 244 24.11 11.36 -1.52
C PHE A 244 23.04 11.42 -2.60
N VAL A 245 23.14 12.38 -3.52
CA VAL A 245 22.14 12.47 -4.57
C VAL A 245 22.25 11.28 -5.52
N ASN A 246 23.46 10.81 -5.78
CA ASN A 246 23.63 9.63 -6.63
C ASN A 246 22.93 8.42 -6.04
N ILE A 247 23.12 8.19 -4.73
CA ILE A 247 22.46 7.05 -4.08
C ILE A 247 20.95 7.26 -4.02
N PHE A 248 20.52 8.48 -3.69
CA PHE A 248 19.09 8.76 -3.63
C PHE A 248 18.42 8.48 -4.97
N MET A 249 19.08 8.82 -6.08
CA MET A 249 18.51 8.52 -7.38
C MET A 249 18.62 7.04 -7.72
N GLN A 250 19.63 6.34 -7.17
CA GLN A 250 19.65 4.90 -7.31
C GLN A 250 18.47 4.24 -6.60
N ALA A 251 17.85 4.95 -5.67
CA ALA A 251 16.67 4.41 -5.00
C ALA A 251 15.37 4.66 -5.75
N TYR A 252 15.40 5.30 -6.93
CA TYR A 252 14.18 5.85 -7.50
C TYR A 252 13.15 4.78 -7.81
N GLY A 253 13.52 3.76 -8.55
CA GLY A 253 12.53 2.76 -8.92
C GLY A 253 12.32 1.67 -7.91
N ALA A 254 12.40 1.97 -6.61
CA ALA A 254 12.33 0.94 -5.59
C ALA A 254 10.93 0.36 -5.53
N GLY A 255 10.85 -0.95 -5.37
CA GLY A 255 9.59 -1.64 -5.29
C GLY A 255 8.92 -1.93 -6.62
N GLN A 256 9.56 -1.60 -7.73
CA GLN A 256 8.98 -1.80 -9.05
C GLN A 256 10.00 -2.33 -10.03
N THR A 257 10.81 -3.31 -9.60
CA THR A 257 11.80 -3.85 -10.52
C THR A 257 11.16 -4.68 -11.62
N MET A 258 9.91 -5.11 -11.43
CA MET A 258 9.24 -5.89 -12.47
C MET A 258 8.94 -5.04 -13.69
N LEU A 259 8.57 -3.76 -13.50
CA LEU A 259 8.34 -2.89 -14.64
C LEU A 259 9.63 -2.61 -15.39
N ARG A 260 10.72 -2.37 -14.67
CA ARG A 260 12.01 -2.16 -15.31
C ARG A 260 12.44 -3.40 -16.08
N TRP A 261 12.23 -4.58 -15.50
CA TRP A 261 12.57 -5.79 -16.21
C TRP A 261 11.63 -6.06 -17.38
N GLY A 262 10.39 -5.58 -17.30
CA GLY A 262 9.50 -5.70 -18.44
C GLY A 262 9.94 -4.87 -19.62
N VAL A 263 10.34 -3.62 -19.38
CA VAL A 263 10.85 -2.82 -20.49
C VAL A 263 12.18 -3.39 -20.96
N ILE A 264 12.95 -4.00 -20.07
CA ILE A 264 14.17 -4.70 -20.49
C ILE A 264 13.83 -5.85 -21.44
N ALA A 265 12.80 -6.64 -21.08
CA ALA A 265 12.41 -7.76 -21.94
C ALA A 265 11.94 -7.28 -23.29
N ARG A 266 11.18 -6.19 -23.32
CA ARG A 266 10.74 -5.62 -24.59
C ARG A 266 11.93 -5.15 -25.43
N SER A 267 12.94 -4.56 -24.76
CA SER A 267 14.14 -4.15 -25.46
C SER A 267 14.93 -5.35 -25.99
N SER A 268 14.88 -6.47 -25.29
CA SER A 268 15.59 -7.67 -25.69
C SER A 268 14.91 -8.41 -26.83
N ASN A 269 13.67 -8.03 -27.18
CA ASN A 269 12.91 -8.68 -28.24
C ASN A 269 12.83 -10.19 -28.01
N ASN A 270 12.36 -10.54 -26.82
CA ASN A 270 12.21 -11.94 -26.45
C ASN A 270 11.09 -12.57 -27.25
N ILE A 271 11.35 -13.75 -27.82
CA ILE A 271 10.37 -14.37 -28.70
C ILE A 271 9.16 -14.83 -27.90
N MET A 272 9.36 -15.27 -26.67
CA MET A 272 8.23 -15.74 -25.87
C MET A 272 7.29 -14.62 -25.47
N LEU A 273 7.65 -13.36 -25.72
CA LEU A 273 6.67 -12.28 -25.58
C LEU A 273 5.55 -12.40 -26.59
N GLY A 274 5.77 -13.08 -27.71
CA GLY A 274 4.77 -13.31 -28.73
C GLY A 274 3.93 -14.55 -28.52
N HIS A 275 4.09 -15.25 -27.39
CA HIS A 275 3.26 -16.38 -27.04
C HIS A 275 1.80 -15.95 -26.95
N VAL A 276 0.90 -16.93 -26.95
CA VAL A 276 -0.53 -16.62 -26.95
C VAL A 276 -0.93 -15.92 -25.66
N SER A 277 -0.51 -16.45 -24.52
CA SER A 277 -0.97 -15.90 -23.24
C SER A 277 -0.31 -14.55 -22.95
N VAL A 278 0.96 -14.40 -23.33
CA VAL A 278 1.61 -13.10 -23.17
C VAL A 278 0.90 -12.05 -24.00
N GLN A 279 0.56 -12.39 -25.24
CA GLN A 279 -0.17 -11.44 -26.09
C GLN A 279 -1.57 -11.21 -25.56
N ALA A 280 -2.11 -12.18 -24.82
CA ALA A 280 -3.42 -11.98 -24.19
C ALA A 280 -3.34 -10.94 -23.08
N GLU A 281 -2.26 -10.98 -22.28
CA GLU A 281 -2.14 -10.08 -21.14
C GLU A 281 -1.47 -8.75 -21.48
N LEU A 282 -0.93 -8.61 -22.68
CA LEU A 282 -0.24 -7.38 -23.06
C LEU A 282 -1.13 -6.14 -22.99
N LYS A 283 -2.43 -6.29 -23.20
CA LYS A 283 -3.31 -5.13 -23.11
C LYS A 283 -3.30 -4.52 -21.71
N GLN A 284 -3.52 -5.33 -20.68
CA GLN A 284 -3.57 -4.76 -19.34
C GLN A 284 -2.16 -4.42 -18.85
N VAL A 285 -1.14 -5.10 -19.38
CA VAL A 285 0.24 -4.68 -19.09
C VAL A 285 0.47 -3.25 -19.57
N THR A 286 0.09 -2.98 -20.81
CA THR A 286 0.19 -1.62 -21.34
C THR A 286 -0.68 -0.67 -20.54
N GLU A 287 -1.79 -1.16 -19.97
CA GLU A 287 -2.59 -0.32 -19.08
C GLU A 287 -1.79 0.08 -17.84
N VAL A 288 -1.04 -0.84 -17.26
CA VAL A 288 -0.22 -0.52 -16.10
C VAL A 288 0.83 0.53 -16.48
N TYR A 289 1.45 0.36 -17.63
CA TYR A 289 2.47 1.33 -18.05
C TYR A 289 1.85 2.70 -18.33
N ASP A 290 0.64 2.73 -18.88
CA ASP A 290 -0.06 3.99 -19.08
C ASP A 290 -0.36 4.66 -17.75
N LEU A 291 -0.73 3.86 -16.74
CA LEU A 291 -0.95 4.43 -15.42
C LEU A 291 0.34 4.99 -14.84
N VAL A 292 1.47 4.31 -15.09
CA VAL A 292 2.76 4.84 -14.68
C VAL A 292 2.99 6.22 -15.29
N ARG A 293 2.76 6.35 -16.60
CA ARG A 293 2.94 7.63 -17.26
C ARG A 293 1.97 8.67 -16.72
N GLU A 294 0.74 8.25 -16.40
CA GLU A 294 -0.26 9.18 -15.89
C GLU A 294 0.15 9.77 -14.55
N MET A 295 0.63 8.93 -13.63
CA MET A 295 1.14 9.47 -12.37
C MET A 295 2.37 10.33 -12.59
N GLY A 296 3.30 9.90 -13.43
CA GLY A 296 4.41 10.74 -13.82
C GLY A 296 5.61 10.61 -12.91
N PRO A 297 6.27 11.74 -12.62
CA PRO A 297 7.55 11.68 -11.89
C PRO A 297 7.43 11.11 -10.49
N GLU A 298 6.32 11.32 -9.80
CA GLU A 298 6.18 10.85 -8.44
C GLU A 298 5.82 9.38 -8.35
N SER A 299 5.66 8.70 -9.47
CA SER A 299 5.31 7.28 -9.44
C SER A 299 6.43 6.44 -8.86
N GLY A 300 7.68 6.80 -9.16
CA GLY A 300 8.81 6.02 -8.67
C GLY A 300 8.94 6.04 -7.16
N LEU A 301 8.54 7.12 -6.52
CA LEU A 301 8.65 7.26 -5.08
C LEU A 301 7.46 6.68 -4.33
N LEU A 302 6.58 5.95 -5.01
CA LEU A 302 5.39 5.43 -4.34
C LEU A 302 5.72 4.36 -3.32
N HIS A 303 6.54 3.39 -3.71
CA HIS A 303 6.93 2.33 -2.79
C HIS A 303 7.94 2.79 -1.75
N LEU A 304 8.79 3.75 -2.10
CA LEU A 304 9.72 4.32 -1.12
C LEU A 304 8.96 5.02 0.00
N ARG A 305 7.91 5.77 -0.36
CA ARG A 305 7.09 6.48 0.60
C ARG A 305 6.08 5.58 1.30
N GLN A 306 5.97 4.31 0.90
CA GLN A 306 4.85 3.46 1.27
C GLN A 306 3.52 4.15 1.00
N SER A 307 3.42 4.79 -0.15
CA SER A 307 2.15 5.38 -0.54
C SER A 307 1.15 4.26 -0.72
N PRO A 308 -0.03 4.33 -0.08
CA PRO A 308 -1.01 3.24 -0.21
C PRO A 308 -1.45 3.03 -1.65
N LYS A 309 -1.31 4.07 -2.46
CA LYS A 309 -1.59 4.01 -3.88
C LYS A 309 -0.67 3.06 -4.62
N ALA A 310 0.49 2.74 -4.06
CA ALA A 310 1.33 1.69 -4.63
C ALA A 310 0.62 0.35 -4.56
N GLY A 311 0.90 -0.49 -5.54
CA GLY A 311 0.13 -1.69 -5.75
C GLY A 311 -0.83 -1.58 -6.91
N LEU A 312 -1.12 -0.37 -7.37
CA LEU A 312 -1.78 -0.20 -8.66
C LEU A 312 -0.81 -0.50 -9.79
N LEU A 313 0.49 -0.44 -9.50
CA LEU A 313 1.53 -0.71 -10.49
C LEU A 313 2.00 -2.15 -10.48
N SER A 314 1.37 -3.02 -9.71
CA SER A 314 1.75 -4.42 -9.65
C SER A 314 1.43 -5.12 -10.96
N LEU A 315 2.36 -5.94 -11.43
CA LEU A 315 2.12 -6.83 -12.55
C LEU A 315 1.79 -8.25 -12.12
N ALA A 316 1.30 -8.42 -10.89
CA ALA A 316 0.97 -9.75 -10.40
C ALA A 316 -0.28 -10.31 -11.05
N ASN A 317 -1.11 -9.45 -11.64
CA ASN A 317 -2.31 -9.93 -12.33
C ASN A 317 -2.02 -10.37 -13.76
N CYS A 318 -0.75 -10.42 -14.16
CA CYS A 318 -0.33 -10.93 -15.46
C CYS A 318 0.74 -12.00 -15.23
N PRO A 319 0.33 -13.17 -14.74
CA PRO A 319 1.32 -14.18 -14.35
C PRO A 319 2.21 -14.64 -15.48
N ASN A 320 1.66 -14.71 -16.70
CA ASN A 320 2.45 -15.19 -17.83
C ASN A 320 3.45 -14.13 -18.28
N PHE A 321 3.04 -12.86 -18.30
CA PHE A 321 3.98 -11.79 -18.60
C PHE A 321 5.08 -11.72 -17.55
N ALA A 322 4.72 -11.84 -16.27
CA ALA A 322 5.72 -11.82 -15.22
C ALA A 322 6.68 -12.99 -15.33
N SER A 323 6.17 -14.18 -15.67
CA SER A 323 7.04 -15.33 -15.83
C SER A 323 7.99 -15.14 -17.00
N VAL A 324 7.49 -14.59 -18.12
CA VAL A 324 8.36 -14.35 -19.26
C VAL A 324 9.42 -13.31 -18.92
N VAL A 325 9.04 -12.26 -18.20
CA VAL A 325 9.97 -11.20 -17.82
C VAL A 325 11.06 -11.76 -16.92
N LEU A 326 10.67 -12.57 -15.94
CA LEU A 326 11.64 -13.17 -15.04
C LEU A 326 12.54 -14.16 -15.78
N GLY A 327 11.99 -14.88 -16.75
CA GLY A 327 12.83 -15.77 -17.54
C GLY A 327 13.84 -15.02 -18.37
N ASN A 328 13.42 -13.92 -18.99
CA ASN A 328 14.35 -13.11 -19.76
C ASN A 328 15.45 -12.56 -18.87
N ALA A 329 15.09 -12.07 -17.68
CA ALA A 329 16.07 -11.56 -16.74
C ALA A 329 17.03 -12.66 -16.31
N SER A 330 16.53 -13.87 -16.09
CA SER A 330 17.39 -14.97 -15.68
C SER A 330 18.34 -15.37 -16.80
N GLY A 331 17.87 -15.31 -18.04
CA GLY A 331 18.75 -15.62 -19.14
C GLY A 331 19.87 -14.61 -19.30
N LEU A 332 19.54 -13.33 -19.19
CA LEU A 332 20.54 -12.27 -19.30
C LEU A 332 21.44 -12.18 -18.07
N GLY A 333 21.14 -12.90 -17.01
CA GLY A 333 21.92 -12.80 -15.79
C GLY A 333 21.51 -11.65 -14.90
N ILE A 334 20.50 -10.90 -15.30
CA ILE A 334 20.03 -9.76 -14.52
C ILE A 334 19.33 -10.22 -13.25
N ILE A 335 18.68 -11.38 -13.26
CA ILE A 335 17.82 -11.79 -12.15
C ILE A 335 18.62 -11.88 -10.86
N GLY A 336 19.90 -12.17 -10.95
CA GLY A 336 20.74 -12.24 -9.76
C GLY A 336 20.17 -13.22 -8.77
N MET A 337 19.68 -12.69 -7.64
CA MET A 337 19.09 -13.49 -6.59
C MET A 337 17.72 -12.91 -6.23
N TYR A 338 16.96 -12.53 -7.27
CA TYR A 338 15.64 -11.97 -7.08
C TYR A 338 14.70 -13.02 -6.52
N ARG A 339 13.88 -12.63 -5.54
CA ARG A 339 13.05 -13.57 -4.81
C ARG A 339 11.59 -13.59 -5.25
N GLY A 340 11.26 -12.97 -6.39
CA GLY A 340 9.89 -13.01 -6.86
C GLY A 340 9.50 -14.40 -7.32
N ARG A 341 8.20 -14.59 -7.50
CA ARG A 341 7.65 -15.88 -7.90
C ARG A 341 7.56 -15.98 -9.42
N VAL A 342 7.83 -17.16 -9.95
CA VAL A 342 7.60 -17.46 -11.36
C VAL A 342 6.31 -18.27 -11.45
N PRO A 343 5.22 -17.70 -11.94
CA PRO A 343 3.95 -18.42 -11.95
C PRO A 343 3.94 -19.60 -12.91
N ASN A 344 4.34 -19.35 -14.15
CA ASN A 344 4.31 -20.37 -15.20
C ASN A 344 5.76 -20.77 -15.49
N THR A 345 6.13 -21.97 -15.02
CA THR A 345 7.53 -22.38 -15.08
C THR A 345 7.98 -22.68 -16.51
N GLU A 346 7.08 -23.18 -17.36
CA GLU A 346 7.46 -23.51 -18.73
C GLU A 346 7.84 -22.25 -19.50
N LEU A 347 7.04 -21.19 -19.38
CA LEU A 347 7.40 -19.92 -19.99
C LEU A 347 8.69 -19.37 -19.41
N PHE A 348 8.87 -19.49 -18.10
CA PHE A 348 10.10 -19.00 -17.49
C PHE A 348 11.31 -19.71 -18.08
N SER A 349 11.25 -21.04 -18.18
CA SER A 349 12.38 -21.79 -18.70
C SER A 349 12.63 -21.51 -20.18
N ALA A 350 11.55 -21.42 -20.98
CA ALA A 350 11.72 -21.12 -22.39
C ALA A 350 12.33 -19.74 -22.59
N ALA A 351 11.84 -18.75 -21.84
CA ALA A 351 12.37 -17.40 -21.94
C ALA A 351 13.82 -17.35 -21.49
N GLU A 352 14.15 -18.09 -20.42
CA GLU A 352 15.53 -18.14 -19.96
C GLU A 352 16.45 -18.74 -21.01
N SER A 353 16.00 -19.83 -21.65
CA SER A 353 16.79 -20.46 -22.70
C SER A 353 17.00 -19.52 -23.88
N TYR A 354 15.93 -18.84 -24.32
CA TYR A 354 16.09 -17.91 -25.44
C TYR A 354 16.99 -16.75 -25.07
N ALA A 355 16.87 -16.25 -23.84
CA ALA A 355 17.69 -15.13 -23.43
C ALA A 355 19.17 -15.51 -23.35
N LYS A 356 19.47 -16.71 -22.84
CA LYS A 356 20.85 -17.19 -22.85
C LYS A 356 21.37 -17.35 -24.26
N SER A 357 20.53 -17.89 -25.15
CA SER A 357 20.94 -18.07 -26.54
C SER A 357 21.26 -16.74 -27.20
N LEU A 358 20.41 -15.74 -26.97
CA LEU A 358 20.65 -14.41 -27.53
C LEU A 358 21.88 -13.76 -26.91
N LYS A 359 22.09 -13.97 -25.61
CA LYS A 359 23.26 -13.41 -24.94
C LYS A 359 24.55 -13.99 -25.49
N GLU A 360 24.58 -15.31 -25.72
CA GLU A 360 25.80 -15.96 -26.18
C GLU A 360 26.18 -15.49 -27.58
N SER A 361 25.21 -15.39 -28.47
CA SER A 361 25.49 -14.98 -29.84
C SER A 361 25.82 -13.50 -29.90
N ASN A 362 26.81 -13.15 -30.71
CA ASN A 362 27.23 -11.77 -30.91
C ASN A 362 26.91 -11.35 -32.33
N LYS A 363 25.78 -10.68 -32.52
CA LYS A 363 25.31 -10.26 -33.84
C LYS A 363 25.33 -8.74 -33.90
N ILE A 364 25.93 -8.21 -34.98
CA ILE A 364 26.10 -6.77 -35.17
C ILE A 364 25.44 -6.40 -36.48
N ASN A 365 24.65 -5.33 -36.47
CA ASN A 365 23.97 -4.85 -37.67
C ASN A 365 24.85 -3.87 -38.44
N LEU C 3 -33.48 -0.94 -42.78
CA LEU C 3 -32.39 -1.68 -42.17
C LEU C 3 -31.46 -0.76 -41.39
N GLN C 4 -31.05 0.34 -42.03
CA GLN C 4 -30.08 1.23 -41.41
C GLN C 4 -30.69 1.99 -40.24
N GLY C 5 -31.93 2.44 -40.37
CA GLY C 5 -32.54 3.32 -39.40
C GLY C 5 -33.30 2.65 -38.28
N ILE C 6 -33.28 1.32 -38.19
CA ILE C 6 -34.05 0.59 -37.17
C ILE C 6 -33.11 0.37 -35.99
N HIS C 7 -33.13 1.33 -35.06
CA HIS C 7 -32.20 1.40 -33.93
C HIS C 7 -33.03 1.78 -32.71
N LEU C 8 -32.62 1.30 -31.54
CA LEU C 8 -33.42 1.56 -30.34
C LEU C 8 -32.67 2.28 -29.24
N SER C 9 -31.47 1.83 -28.88
CA SER C 9 -30.69 2.46 -27.80
C SER C 9 -31.47 2.48 -26.48
N ASP C 10 -32.00 1.33 -26.09
CA ASP C 10 -32.84 1.25 -24.90
C ASP C 10 -32.05 1.54 -23.63
N LEU C 11 -30.83 1.01 -23.52
CA LEU C 11 -30.11 1.07 -22.26
C LEU C 11 -29.64 2.48 -21.97
N SER C 12 -29.24 3.22 -23.00
CA SER C 12 -28.88 4.63 -22.80
C SER C 12 -30.06 5.44 -22.32
N TYR C 13 -31.26 5.18 -22.87
CA TYR C 13 -32.45 5.87 -22.41
C TYR C 13 -32.79 5.50 -20.98
N LYS C 14 -32.65 4.22 -20.61
CA LYS C 14 -32.91 3.83 -19.23
C LYS C 14 -31.95 4.53 -18.27
N HIS C 15 -30.66 4.57 -18.62
CA HIS C 15 -29.70 5.25 -17.75
C HIS C 15 -29.99 6.74 -17.66
N ALA C 16 -30.37 7.36 -18.77
CA ALA C 16 -30.72 8.78 -18.72
C ALA C 16 -31.95 9.01 -17.88
N ILE C 17 -32.91 8.09 -17.93
CA ILE C 17 -34.11 8.19 -17.10
C ILE C 17 -33.73 8.15 -15.62
N LEU C 18 -32.86 7.22 -15.25
CA LEU C 18 -32.51 7.09 -13.83
C LEU C 18 -31.64 8.23 -13.35
N LYS C 19 -30.61 8.60 -14.12
CA LYS C 19 -29.66 9.61 -13.64
C LYS C 19 -30.26 11.01 -13.62
N GLU C 20 -31.21 11.28 -14.49
CA GLU C 20 -31.66 12.67 -14.62
C GLU C 20 -32.80 13.00 -13.72
N SER C 21 -33.00 12.32 -12.60
CA SER C 21 -34.04 12.74 -11.68
C SER C 21 -33.62 14.00 -10.94
N GLN C 22 -34.55 14.95 -10.86
CA GLN C 22 -34.36 16.14 -10.03
C GLN C 22 -34.95 15.96 -8.63
N TYR C 23 -35.55 14.80 -8.35
CA TYR C 23 -36.12 14.50 -7.05
C TYR C 23 -35.20 13.53 -6.33
N THR C 24 -34.93 13.79 -5.06
CA THR C 24 -34.13 12.91 -4.23
C THR C 24 -35.01 12.32 -3.14
N ILE C 25 -34.89 11.02 -2.92
CA ILE C 25 -35.67 10.35 -1.90
C ILE C 25 -34.84 10.26 -0.63
N LYS C 26 -35.48 10.53 0.49
CA LYS C 26 -34.84 10.53 1.80
C LYS C 26 -35.12 9.21 2.49
N ARG C 27 -34.07 8.49 2.85
CA ARG C 27 -34.19 7.21 3.53
C ARG C 27 -33.43 7.27 4.83
N ASP C 28 -33.79 6.37 5.74
CA ASP C 28 -33.26 6.39 7.11
C ASP C 28 -33.51 7.75 7.74
N VAL C 29 -34.72 8.28 7.53
CA VAL C 29 -35.00 9.65 7.93
C VAL C 29 -34.98 9.81 9.45
N GLY C 30 -35.43 8.80 10.18
CA GLY C 30 -35.55 8.88 11.62
C GLY C 30 -34.46 8.19 12.42
N THR C 31 -33.33 7.84 11.82
CA THR C 31 -32.32 7.01 12.46
C THR C 31 -31.03 7.80 12.69
N THR C 32 -30.31 7.42 13.73
CA THR C 32 -29.07 8.08 14.11
C THR C 32 -27.94 7.06 14.20
N THR C 33 -26.81 7.37 13.57
CA THR C 33 -25.60 6.57 13.67
C THR C 33 -24.63 7.21 14.65
N ALA C 34 -23.46 6.58 14.81
CA ALA C 34 -22.46 7.03 15.76
C ALA C 34 -21.15 7.32 15.06
N VAL C 35 -20.49 8.41 15.47
CA VAL C 35 -19.12 8.69 15.04
C VAL C 35 -18.30 9.08 16.24
N THR C 36 -16.98 8.93 16.08
CA THR C 36 -16.00 9.30 17.07
C THR C 36 -15.09 10.38 16.51
N PRO C 37 -14.96 11.53 17.16
CA PRO C 37 -14.16 12.62 16.61
C PRO C 37 -12.70 12.28 16.55
N SER C 38 -12.01 12.91 15.58
CA SER C 38 -10.60 12.61 15.32
C SER C 38 -9.72 12.79 16.55
N SER C 39 -10.07 13.69 17.46
CA SER C 39 -9.32 13.90 18.70
C SER C 39 -9.27 12.66 19.57
N LEU C 40 -10.15 11.69 19.33
CA LEU C 40 -10.18 10.45 20.08
C LEU C 40 -9.54 9.29 19.33
N GLN C 41 -8.80 9.57 18.25
CA GLN C 41 -8.18 8.49 17.49
C GLN C 41 -7.35 7.59 18.39
N GLN C 42 -6.44 8.18 19.18
CA GLN C 42 -5.61 7.39 20.08
C GLN C 42 -6.42 6.52 21.03
N GLU C 43 -7.64 6.95 21.39
CA GLU C 43 -8.49 6.11 22.22
C GLU C 43 -9.01 4.92 21.43
N ILE C 44 -9.55 5.17 20.23
CA ILE C 44 -10.13 4.09 19.45
C ILE C 44 -9.06 3.18 18.86
N THR C 45 -7.81 3.65 18.80
CA THR C 45 -6.73 2.76 18.44
C THR C 45 -6.52 1.70 19.52
N LEU C 46 -6.82 2.02 20.78
CA LEU C 46 -6.69 1.03 21.84
C LEU C 46 -7.76 -0.03 21.73
N LEU C 47 -9.02 0.38 21.59
CA LEU C 47 -10.11 -0.59 21.55
C LEU C 47 -9.98 -1.48 20.31
N CYS C 48 -9.65 -0.89 19.17
CA CYS C 48 -9.48 -1.68 17.95
C CYS C 48 -8.37 -2.72 18.11
N GLY C 49 -7.51 -2.54 19.12
CA GLY C 49 -6.49 -3.55 19.37
C GLY C 49 -6.91 -4.52 20.47
N GLU C 50 -7.69 -4.05 21.43
CA GLU C 50 -8.09 -4.90 22.53
C GLU C 50 -9.11 -5.93 22.09
N ILE C 51 -9.71 -5.71 20.92
CA ILE C 51 -10.54 -6.73 20.30
C ILE C 51 -9.68 -7.85 19.74
N LEU C 52 -8.49 -7.50 19.22
CA LEU C 52 -7.69 -8.49 18.53
C LEU C 52 -6.98 -9.43 19.48
N TYR C 53 -6.13 -8.91 20.36
CA TYR C 53 -5.15 -9.74 21.04
C TYR C 53 -5.72 -10.53 22.21
N ALA C 54 -7.03 -10.51 22.42
CA ALA C 54 -7.64 -11.32 23.45
C ALA C 54 -8.71 -12.22 22.85
N LYS C 55 -9.19 -13.15 23.66
CA LYS C 55 -10.26 -14.07 23.24
C LYS C 55 -11.54 -13.67 23.96
N HIS C 56 -12.51 -13.15 23.22
CA HIS C 56 -13.74 -12.60 23.78
C HIS C 56 -14.91 -13.53 23.50
N ALA C 57 -15.88 -13.49 24.41
CA ALA C 57 -17.10 -14.28 24.22
C ALA C 57 -17.95 -13.70 23.09
N ASP C 58 -17.92 -12.38 22.92
CA ASP C 58 -18.75 -11.69 21.94
C ASP C 58 -17.87 -10.74 21.14
N TYR C 59 -18.09 -10.69 19.82
CA TYR C 59 -17.46 -9.71 18.95
C TYR C 59 -18.51 -8.92 18.18
N LYS C 60 -19.65 -8.63 18.82
CA LYS C 60 -20.83 -8.19 18.08
C LYS C 60 -20.61 -6.85 17.39
N TYR C 61 -20.00 -5.90 18.08
CA TYR C 61 -19.85 -4.54 17.57
C TYR C 61 -18.45 -4.23 17.09
N ALA C 62 -17.66 -5.23 16.71
CA ALA C 62 -16.30 -4.97 16.26
C ALA C 62 -16.28 -4.21 14.94
N ALA C 63 -17.25 -4.49 14.07
CA ALA C 63 -17.38 -3.73 12.83
C ALA C 63 -17.64 -2.27 13.10
N GLU C 64 -18.52 -1.98 14.06
CA GLU C 64 -18.77 -0.60 14.44
C GLU C 64 -17.51 0.05 14.99
N ILE C 65 -16.66 -0.71 15.68
CA ILE C 65 -15.44 -0.14 16.22
C ILE C 65 -14.46 0.23 15.11
N GLY C 66 -14.35 -0.63 14.09
CA GLY C 66 -13.58 -0.22 12.93
C GLY C 66 -14.16 1.00 12.25
N ILE C 67 -15.48 1.10 12.21
CA ILE C 67 -16.12 2.28 11.61
C ILE C 67 -15.83 3.52 12.44
N GLN C 68 -15.76 3.36 13.76
CA GLN C 68 -15.38 4.49 14.61
C GLN C 68 -13.97 4.96 14.28
N TYR C 69 -13.05 4.02 14.03
CA TYR C 69 -11.72 4.42 13.62
C TYR C 69 -11.76 5.18 12.30
N ILE C 70 -12.58 4.72 11.36
CA ILE C 70 -12.72 5.45 10.08
C ILE C 70 -13.23 6.86 10.32
N SER C 71 -14.20 6.99 11.23
CA SER C 71 -14.71 8.32 11.59
C SER C 71 -13.61 9.22 12.13
N THR C 72 -12.77 8.70 13.02
CA THR C 72 -11.63 9.49 13.50
C THR C 72 -10.67 9.84 12.38
N ALA C 73 -10.43 8.92 11.44
CA ALA C 73 -9.52 9.18 10.34
C ALA C 73 -10.03 10.28 9.43
N LEU C 74 -11.34 10.34 9.18
CA LEU C 74 -11.87 11.35 8.28
C LEU C 74 -12.34 12.59 9.03
N GLY C 75 -12.95 12.40 10.20
CA GLY C 75 -13.45 13.54 10.96
C GLY C 75 -14.96 13.43 11.06
N SER C 76 -15.50 13.89 12.18
CA SER C 76 -16.93 13.76 12.41
C SER C 76 -17.74 14.60 11.42
N GLU C 77 -17.31 15.81 11.13
CA GLU C 77 -18.03 16.64 10.17
C GLU C 77 -17.98 16.03 8.76
N ARG C 78 -16.80 15.57 8.35
CA ARG C 78 -16.67 14.97 7.02
C ARG C 78 -17.46 13.68 6.93
N VAL C 79 -17.54 12.92 8.02
CA VAL C 79 -18.32 11.68 8.01
C VAL C 79 -19.81 11.99 7.96
N GLN C 80 -20.25 13.04 8.65
CA GLN C 80 -21.65 13.45 8.51
C GLN C 80 -21.96 13.83 7.08
N GLN C 81 -21.07 14.59 6.45
CA GLN C 81 -21.28 14.97 5.05
C GLN C 81 -21.28 13.75 4.14
N ILE C 82 -20.42 12.77 4.43
CA ILE C 82 -20.38 11.54 3.64
C ILE C 82 -21.70 10.77 3.74
N LEU C 83 -22.24 10.67 4.95
CA LEU C 83 -23.50 9.96 5.13
C LEU C 83 -24.70 10.73 4.65
N ARG C 84 -24.61 12.06 4.55
CA ARG C 84 -25.69 12.85 3.97
C ARG C 84 -25.67 12.86 2.45
N ASN C 85 -24.47 12.82 1.85
CA ASN C 85 -24.37 12.70 0.40
C ASN C 85 -24.59 11.27 -0.07
N SER C 86 -24.73 10.32 0.85
CA SER C 86 -24.93 8.92 0.50
C SER C 86 -26.39 8.54 0.43
N GLY C 87 -27.30 9.52 0.40
CA GLY C 87 -28.70 9.25 0.24
C GLY C 87 -29.43 8.90 1.50
N SER C 88 -28.79 8.96 2.66
CA SER C 88 -29.42 8.62 3.92
C SER C 88 -29.51 9.86 4.80
N GLU C 89 -30.71 10.14 5.29
CA GLU C 89 -30.93 11.25 6.22
C GLU C 89 -30.68 10.79 7.65
N VAL C 90 -29.48 10.26 7.86
CA VAL C 90 -29.08 9.73 9.15
C VAL C 90 -28.36 10.81 9.93
N GLN C 91 -28.90 11.17 11.10
CA GLN C 91 -28.23 12.09 11.98
C GLN C 91 -27.13 11.37 12.74
N VAL C 92 -26.10 12.12 13.08
CA VAL C 92 -24.86 11.57 13.60
C VAL C 92 -24.68 11.99 15.05
N VAL C 93 -24.31 11.03 15.90
CA VAL C 93 -24.09 11.26 17.32
C VAL C 93 -22.60 11.15 17.60
N LEU C 94 -22.07 12.05 18.42
CA LEU C 94 -20.67 12.00 18.82
C LEU C 94 -20.48 11.08 20.01
N THR C 95 -19.27 10.56 20.15
CA THR C 95 -18.90 9.66 21.23
C THR C 95 -18.23 10.43 22.36
N ARG C 96 -18.36 9.92 23.57
CA ARG C 96 -17.91 10.63 24.75
C ARG C 96 -17.00 9.75 25.60
N THR C 97 -15.84 10.27 25.97
CA THR C 97 -14.94 9.57 26.88
C THR C 97 -15.37 9.81 28.31
N TYR C 98 -15.51 8.72 29.07
CA TYR C 98 -15.95 8.82 30.45
C TYR C 98 -15.07 7.98 31.37
N SER C 99 -15.49 7.81 32.63
CA SER C 99 -14.70 7.03 33.58
C SER C 99 -15.58 6.08 34.37
N GLN C 112 -9.62 6.09 31.59
CA GLN C 112 -10.85 6.48 30.91
C GLN C 112 -11.27 5.46 29.87
N MET C 113 -12.54 5.47 29.50
CA MET C 113 -13.09 4.55 28.52
C MET C 113 -13.97 5.33 27.54
N LEU C 114 -14.45 4.64 26.53
CA LEU C 114 -15.24 5.23 25.46
C LEU C 114 -16.72 4.93 25.65
N ASP C 115 -17.57 5.84 25.20
CA ASP C 115 -19.01 5.64 25.15
C ASP C 115 -19.45 5.97 23.74
N ILE C 116 -19.92 4.96 23.02
CA ILE C 116 -20.29 5.06 21.62
C ILE C 116 -21.79 4.81 21.51
N HIS C 117 -22.45 5.65 20.73
CA HIS C 117 -23.88 5.50 20.53
C HIS C 117 -24.20 4.18 19.86
N GLY C 118 -25.17 3.46 20.40
CA GLY C 118 -25.55 2.16 19.88
C GLY C 118 -24.77 1.03 20.54
N VAL C 119 -23.45 1.13 20.52
CA VAL C 119 -22.61 0.11 21.13
C VAL C 119 -22.74 0.21 22.64
N GLU C 120 -23.26 -0.84 23.28
CA GLU C 120 -23.49 -0.82 24.71
C GLU C 120 -22.18 -0.73 25.46
N LYS C 121 -22.24 -0.10 26.64
CA LYS C 121 -21.05 0.05 27.47
C LYS C 121 -20.65 -1.26 28.15
N SER C 122 -21.59 -2.20 28.32
CA SER C 122 -21.23 -3.50 28.87
C SER C 122 -20.26 -4.22 27.94
N TRP C 123 -20.51 -4.15 26.63
CA TRP C 123 -19.61 -4.76 25.66
C TRP C 123 -18.23 -4.11 25.70
N VAL C 124 -18.19 -2.78 25.74
CA VAL C 124 -16.90 -2.08 25.81
C VAL C 124 -16.13 -2.46 27.06
N GLU C 125 -16.79 -2.44 28.22
CA GLU C 125 -16.10 -2.76 29.46
C GLU C 125 -15.69 -4.23 29.51
N GLU C 126 -16.49 -5.14 28.93
CA GLU C 126 -16.10 -6.54 28.87
C GLU C 126 -14.87 -6.74 27.99
N ILE C 127 -14.85 -6.14 26.80
CA ILE C 127 -13.70 -6.32 25.92
C ILE C 127 -12.45 -5.73 26.56
N ASP C 128 -12.59 -4.57 27.19
CA ASP C 128 -11.45 -3.99 27.90
C ASP C 128 -10.97 -4.88 29.03
N LYS C 129 -11.90 -5.45 29.80
CA LYS C 129 -11.49 -6.28 30.93
C LYS C 129 -10.81 -7.56 30.47
N GLU C 130 -11.33 -8.17 29.41
CA GLU C 130 -10.69 -9.35 28.85
C GLU C 130 -9.29 -9.04 28.35
N ALA C 131 -9.13 -7.90 27.67
CA ALA C 131 -7.80 -7.49 27.24
C ALA C 131 -6.86 -7.29 28.43
N ARG C 132 -7.34 -6.64 29.51
CA ARG C 132 -6.49 -6.42 30.67
C ARG C 132 -6.07 -7.73 31.31
N LYS C 133 -7.02 -8.67 31.46
CA LYS C 133 -6.69 -9.95 32.09
C LYS C 133 -5.71 -10.74 31.25
N THR C 134 -5.90 -10.74 29.92
CA THR C 134 -4.96 -11.44 29.05
C THR C 134 -3.58 -10.80 29.10
N MET C 135 -3.51 -9.46 29.10
CA MET C 135 -2.22 -8.80 29.20
C MET C 135 -1.52 -9.14 30.51
N ALA C 136 -2.26 -9.15 31.61
CA ALA C 136 -1.66 -9.53 32.89
C ALA C 136 -1.16 -10.97 32.87
N THR C 137 -1.93 -11.89 32.29
CA THR C 137 -1.49 -13.27 32.21
C THR C 137 -0.23 -13.41 31.36
N LEU C 138 -0.16 -12.69 30.25
CA LEU C 138 1.01 -12.76 29.37
C LEU C 138 2.21 -12.01 29.92
N LEU C 139 2.01 -11.06 30.85
CA LEU C 139 3.14 -10.34 31.40
C LEU C 139 3.69 -11.02 32.65
N LYS C 140 2.82 -11.49 33.53
CA LYS C 140 3.28 -12.14 34.75
C LYS C 140 4.02 -13.44 34.43
N GLU C 141 3.47 -14.25 33.53
CA GLU C 141 4.07 -15.54 33.22
C GLU C 141 5.26 -15.44 32.27
N SER C 142 5.41 -14.33 31.56
CA SER C 142 6.58 -14.12 30.73
C SER C 142 7.62 -13.31 31.52
N SER C 143 8.66 -12.85 30.83
CA SER C 143 9.74 -12.09 31.46
C SER C 143 9.50 -10.58 31.40
N GLY C 144 8.25 -10.15 31.29
CA GLY C 144 7.97 -8.72 31.18
C GLY C 144 8.41 -8.11 29.87
N ASN C 145 8.67 -8.94 28.86
CA ASN C 145 9.16 -8.50 27.56
C ASN C 145 8.10 -8.78 26.51
N ILE C 146 7.38 -7.73 26.10
CA ILE C 146 6.41 -7.82 25.02
C ILE C 146 6.70 -6.68 24.06
N PRO C 147 6.95 -6.95 22.78
CA PRO C 147 7.35 -5.88 21.86
C PRO C 147 6.28 -4.83 21.65
N GLN C 148 6.60 -3.82 20.82
CA GLN C 148 5.65 -2.76 20.55
C GLN C 148 4.53 -3.20 19.61
N ASN C 149 4.80 -4.19 18.77
CA ASN C 149 3.80 -4.67 17.81
C ASN C 149 3.03 -5.88 18.30
N GLN C 150 3.25 -6.32 19.54
CA GLN C 150 2.43 -7.35 20.14
C GLN C 150 1.42 -6.79 21.14
N ARG C 151 1.32 -5.46 21.23
CA ARG C 151 0.50 -4.81 22.23
C ARG C 151 -0.76 -4.22 21.62
N PRO C 152 -1.84 -4.12 22.40
CA PRO C 152 -3.06 -3.47 21.89
C PRO C 152 -2.88 -1.99 21.59
N SER C 153 -1.88 -1.36 22.15
CA SER C 153 -1.63 0.06 21.91
C SER C 153 -1.10 0.36 20.53
N ALA C 154 -0.72 -0.67 19.75
CA ALA C 154 -0.03 -0.46 18.50
C ALA C 154 -0.90 0.35 17.53
N PRO C 155 -0.27 1.19 16.69
CA PRO C 155 -1.05 2.06 15.81
C PRO C 155 -1.55 1.39 14.54
N ASP C 156 -1.27 0.11 14.34
CA ASP C 156 -1.76 -0.61 13.17
C ASP C 156 -2.87 -1.60 13.48
N THR C 157 -3.26 -1.74 14.75
CA THR C 157 -4.39 -2.61 15.07
C THR C 157 -5.71 -2.19 14.45
N PRO C 158 -6.09 -0.89 14.43
CA PRO C 158 -7.35 -0.55 13.77
C PRO C 158 -7.34 -0.90 12.30
N ILE C 159 -6.19 -0.77 11.65
CA ILE C 159 -6.11 -1.15 10.25
C ILE C 159 -6.13 -2.66 10.09
N ILE C 160 -5.75 -3.42 11.12
CA ILE C 160 -5.88 -4.87 11.04
C ILE C 160 -7.35 -5.28 11.11
N LEU C 161 -8.10 -4.67 12.03
CA LEU C 161 -9.54 -4.90 12.07
C LEU C 161 -10.19 -4.49 10.74
N LEU C 162 -9.80 -3.34 10.22
CA LEU C 162 -10.36 -2.89 8.95
C LEU C 162 -9.89 -3.75 7.78
N CYS C 163 -8.78 -4.47 7.94
CA CYS C 163 -8.36 -5.40 6.90
C CYS C 163 -9.23 -6.64 6.89
N VAL C 164 -9.61 -7.13 8.06
CA VAL C 164 -10.64 -8.18 8.12
C VAL C 164 -11.95 -7.68 7.50
N GLY C 165 -12.33 -6.45 7.83
CA GLY C 165 -13.54 -5.88 7.24
C GLY C 165 -13.44 -5.73 5.73
N ALA C 166 -12.25 -5.40 5.22
CA ALA C 166 -12.08 -5.25 3.78
C ALA C 166 -12.06 -6.60 3.09
N LEU C 167 -11.59 -7.64 3.79
CA LEU C 167 -11.70 -8.99 3.23
C LEU C 167 -13.16 -9.41 3.10
N ILE C 168 -13.97 -9.11 4.11
CA ILE C 168 -15.40 -9.44 3.97
C ILE C 168 -16.08 -8.49 3.00
N PHE C 169 -15.49 -7.32 2.75
CA PHE C 169 -16.09 -6.35 1.84
C PHE C 169 -16.04 -6.84 0.40
N THR C 170 -14.97 -7.53 0.02
CA THR C 170 -14.85 -8.05 -1.33
C THR C 170 -15.95 -9.08 -1.62
N LYS C 171 -16.25 -9.92 -0.65
CA LYS C 171 -17.29 -10.95 -0.75
C LYS C 171 -18.63 -10.44 -0.25
N LEU C 172 -19.07 -9.28 -0.75
CA LEU C 172 -20.36 -8.73 -0.34
C LEU C 172 -21.46 -9.04 -1.35
N ALA C 173 -21.10 -9.28 -2.61
CA ALA C 173 -22.09 -9.69 -3.59
C ALA C 173 -22.35 -11.19 -3.50
N SER C 174 -21.61 -11.88 -2.62
CA SER C 174 -21.76 -13.32 -2.48
C SER C 174 -22.57 -13.65 -1.23
N THR C 175 -22.75 -14.94 -1.00
CA THR C 175 -23.48 -15.44 0.16
C THR C 175 -22.66 -15.18 1.42
N ILE C 176 -23.31 -15.21 2.58
CA ILE C 176 -22.60 -15.00 3.82
C ILE C 176 -21.63 -16.15 4.09
N GLU C 177 -22.04 -17.39 3.87
CA GLU C 177 -21.18 -18.52 4.17
C GLU C 177 -19.94 -18.53 3.28
N VAL C 178 -20.13 -18.27 1.98
CA VAL C 178 -19.01 -18.17 1.06
C VAL C 178 -18.11 -17.01 1.45
N GLY C 179 -18.71 -15.90 1.87
CA GLY C 179 -17.91 -14.76 2.29
C GLY C 179 -17.05 -15.07 3.50
N LEU C 180 -17.61 -15.75 4.48
CA LEU C 180 -16.84 -16.10 5.68
C LEU C 180 -15.74 -17.10 5.34
N GLU C 181 -16.04 -18.10 4.50
CA GLU C 181 -15.02 -19.06 4.11
C GLU C 181 -13.86 -18.36 3.42
N THR C 182 -14.17 -17.48 2.46
CA THR C 182 -13.11 -16.79 1.74
C THR C 182 -12.36 -15.84 2.65
N THR C 183 -13.05 -15.16 3.56
CA THR C 183 -12.36 -14.27 4.48
C THR C 183 -11.37 -15.04 5.35
N VAL C 184 -11.79 -16.18 5.88
CA VAL C 184 -10.89 -16.95 6.75
C VAL C 184 -9.70 -17.47 5.96
N ARG C 185 -9.94 -18.03 4.77
CA ARG C 185 -8.84 -18.55 3.96
C ARG C 185 -7.86 -17.45 3.59
N ARG C 186 -8.38 -16.28 3.20
CA ARG C 186 -7.51 -15.23 2.72
C ARG C 186 -6.89 -14.45 3.88
N ALA C 187 -7.43 -14.61 5.09
CA ALA C 187 -6.87 -13.91 6.24
C ALA C 187 -5.77 -14.73 6.88
N ASN C 188 -5.83 -16.05 6.73
CA ASN C 188 -4.72 -16.88 7.22
C ASN C 188 -3.46 -16.65 6.38
N ARG C 189 -3.59 -15.97 5.25
CA ARG C 189 -2.44 -15.68 4.38
C ARG C 189 -2.11 -14.19 4.37
N VAL C 190 -3.10 -13.36 4.06
CA VAL C 190 -2.91 -11.92 3.97
C VAL C 190 -2.49 -11.33 5.31
N LEU C 191 -3.13 -11.75 6.38
CA LEU C 191 -2.87 -11.21 7.71
C LEU C 191 -2.02 -12.17 8.53
N SER C 192 -1.04 -12.81 7.90
CA SER C 192 -0.18 -13.75 8.61
C SER C 192 0.63 -13.05 9.69
N ASP C 193 1.13 -11.86 9.40
CA ASP C 193 1.92 -11.12 10.40
C ASP C 193 1.07 -10.78 11.62
N ALA C 194 -0.15 -10.32 11.39
CA ALA C 194 -1.05 -10.01 12.51
C ALA C 194 -1.42 -11.28 13.28
N LEU C 195 -1.68 -12.37 12.58
CA LEU C 195 -1.95 -13.64 13.26
C LEU C 195 -0.71 -14.20 13.94
N LYS C 196 0.47 -13.65 13.67
CA LYS C 196 1.61 -13.94 14.53
C LYS C 196 1.64 -13.04 15.75
N ARG C 197 1.39 -11.74 15.57
CA ARG C 197 1.45 -10.81 16.68
C ARG C 197 0.22 -10.90 17.59
N TYR C 198 -0.95 -11.19 17.05
CA TYR C 198 -2.19 -11.29 17.83
C TYR C 198 -2.78 -12.67 17.60
N PRO C 199 -2.24 -13.69 18.28
CA PRO C 199 -2.71 -15.06 18.02
C PRO C 199 -4.18 -15.28 18.30
N ARG C 200 -4.77 -14.50 19.21
CA ARG C 200 -6.11 -14.86 19.68
C ARG C 200 -7.20 -14.12 18.90
N MET C 201 -6.84 -13.37 17.86
CA MET C 201 -7.86 -12.71 17.06
C MET C 201 -8.69 -13.71 16.29
N ASP C 202 -10.02 -13.53 16.34
CA ASP C 202 -10.97 -14.50 15.80
C ASP C 202 -11.52 -13.97 14.49
N ILE C 203 -10.87 -14.34 13.39
CA ILE C 203 -11.31 -13.87 12.07
C ILE C 203 -12.73 -14.29 11.72
N PRO C 204 -13.19 -15.50 12.01
CA PRO C 204 -14.60 -15.82 11.69
C PRO C 204 -15.59 -14.87 12.32
N LYS C 205 -15.45 -14.59 13.62
CA LYS C 205 -16.45 -13.79 14.32
C LYS C 205 -16.36 -12.32 13.96
N ILE C 206 -15.15 -11.78 13.83
CA ILE C 206 -15.01 -10.40 13.41
C ILE C 206 -15.51 -10.22 11.98
N ALA C 207 -15.23 -11.18 11.11
CA ALA C 207 -15.71 -11.12 9.74
C ALA C 207 -17.23 -11.18 9.68
N ARG C 208 -17.84 -12.03 10.51
CA ARG C 208 -19.30 -12.11 10.51
C ARG C 208 -19.92 -10.84 11.06
N SER C 209 -19.27 -10.22 12.05
CA SER C 209 -19.73 -8.92 12.52
C SER C 209 -19.66 -7.88 11.42
N PHE C 210 -18.60 -7.89 10.62
CA PHE C 210 -18.49 -6.91 9.54
C PHE C 210 -19.54 -7.15 8.47
N TYR C 211 -19.83 -8.41 8.16
CA TYR C 211 -20.89 -8.71 7.20
C TYR C 211 -22.24 -8.23 7.72
N ASP C 212 -22.52 -8.47 9.00
CA ASP C 212 -23.76 -8.00 9.59
C ASP C 212 -23.88 -6.49 9.52
N LEU C 213 -22.79 -5.77 9.81
CA LEU C 213 -22.84 -4.31 9.71
C LEU C 213 -23.08 -3.86 8.28
N PHE C 214 -22.38 -4.45 7.31
CA PHE C 214 -22.51 -3.99 5.93
C PHE C 214 -23.86 -4.36 5.35
N GLU C 215 -24.58 -5.29 6.00
CA GLU C 215 -25.95 -5.56 5.57
C GLU C 215 -26.94 -4.61 6.25
N GLN C 216 -26.83 -4.47 7.58
CA GLN C 216 -27.77 -3.63 8.31
C GLN C 216 -27.63 -2.16 7.92
N LYS C 217 -26.42 -1.63 7.96
CA LYS C 217 -26.15 -0.23 7.69
C LYS C 217 -25.50 -0.13 6.32
N VAL C 218 -26.26 0.32 5.33
CA VAL C 218 -25.76 0.40 3.97
C VAL C 218 -25.05 1.73 3.70
N TYR C 219 -25.31 2.76 4.51
CA TYR C 219 -24.55 4.00 4.38
C TYR C 219 -23.11 3.82 4.84
N HIS C 220 -22.86 2.83 5.70
CA HIS C 220 -21.50 2.52 6.11
C HIS C 220 -20.69 1.87 5.01
N ARG C 221 -21.33 1.28 4.01
CA ARG C 221 -20.60 0.92 2.79
C ARG C 221 -20.02 2.16 2.14
N SER C 222 -20.79 3.23 2.06
CA SER C 222 -20.30 4.48 1.52
C SER C 222 -19.20 5.08 2.38
N LEU C 223 -19.34 5.01 3.71
CA LEU C 223 -18.28 5.49 4.59
C LEU C 223 -17.00 4.71 4.39
N PHE C 224 -17.09 3.38 4.29
CA PHE C 224 -15.94 2.54 4.01
C PHE C 224 -15.29 2.90 2.69
N ILE C 225 -16.09 3.17 1.67
CA ILE C 225 -15.53 3.52 0.36
C ILE C 225 -14.84 4.88 0.41
N GLU C 226 -15.41 5.84 1.14
CA GLU C 226 -14.73 7.13 1.29
C GLU C 226 -13.42 6.98 2.04
N TYR C 227 -13.40 6.12 3.06
CA TYR C 227 -12.15 5.89 3.77
C TYR C 227 -11.11 5.25 2.86
N GLY C 228 -11.53 4.31 2.02
CA GLY C 228 -10.60 3.74 1.07
C GLY C 228 -10.04 4.77 0.11
N LYS C 229 -10.91 5.67 -0.37
CA LYS C 229 -10.45 6.74 -1.25
C LYS C 229 -9.43 7.63 -0.55
N ALA C 230 -9.77 8.09 0.66
CA ALA C 230 -8.90 9.00 1.38
C ALA C 230 -7.56 8.35 1.68
N LEU C 231 -7.58 7.07 2.06
CA LEU C 231 -6.35 6.36 2.39
C LEU C 231 -5.49 6.14 1.15
N GLY C 232 -6.12 5.83 0.01
CA GLY C 232 -5.35 5.64 -1.20
C GLY C 232 -4.82 6.93 -1.77
N SER C 233 -5.45 8.07 -1.42
CA SER C 233 -4.95 9.36 -1.87
C SER C 233 -3.80 9.86 -1.01
N SER C 234 -3.55 9.21 0.12
CA SER C 234 -2.52 9.68 1.04
C SER C 234 -1.14 9.53 0.41
N SER C 235 -0.24 10.44 0.77
CA SER C 235 1.13 10.40 0.29
C SER C 235 1.93 9.28 0.94
N THR C 236 1.73 9.05 2.24
CA THR C 236 2.44 8.00 2.98
C THR C 236 1.46 7.24 3.85
N GLY C 237 1.83 6.02 4.21
CA GLY C 237 1.02 5.22 5.11
C GLY C 237 1.80 4.03 5.61
N SER C 238 1.33 3.49 6.73
CA SER C 238 1.94 2.28 7.26
C SER C 238 1.70 1.11 6.32
N LYS C 239 2.29 -0.03 6.64
CA LYS C 239 2.19 -1.21 5.76
C LYS C 239 0.79 -1.83 5.89
N ALA C 240 0.11 -1.62 7.01
CA ALA C 240 -1.27 -2.08 7.14
C ALA C 240 -2.22 -1.27 6.28
N GLU C 241 -1.98 0.04 6.16
CA GLU C 241 -2.84 0.87 5.33
C GLU C 241 -2.69 0.52 3.86
N SER C 242 -1.47 0.22 3.42
CA SER C 242 -1.27 -0.24 2.05
C SER C 242 -1.95 -1.58 1.84
N LEU C 243 -1.91 -2.47 2.82
CA LEU C 243 -2.64 -3.73 2.71
C LEU C 243 -4.13 -3.51 2.60
N PHE C 244 -4.67 -2.61 3.42
CA PHE C 244 -6.10 -2.30 3.37
C PHE C 244 -6.47 -1.77 2.00
N VAL C 245 -5.65 -0.88 1.44
CA VAL C 245 -5.97 -0.33 0.13
C VAL C 245 -5.89 -1.40 -0.95
N ASN C 246 -4.93 -2.33 -0.82
CA ASN C 246 -4.85 -3.42 -1.79
C ASN C 246 -6.10 -4.29 -1.76
N ILE C 247 -6.57 -4.64 -0.57
CA ILE C 247 -7.79 -5.45 -0.49
C ILE C 247 -9.00 -4.65 -0.98
N PHE C 248 -9.06 -3.37 -0.64
CA PHE C 248 -10.14 -2.52 -1.10
C PHE C 248 -10.20 -2.46 -2.61
N MET C 249 -9.04 -2.36 -3.26
CA MET C 249 -9.03 -2.35 -4.72
C MET C 249 -9.35 -3.74 -5.27
N GLN C 250 -9.06 -4.79 -4.50
CA GLN C 250 -9.52 -6.11 -4.91
C GLN C 250 -11.04 -6.21 -4.84
N ALA C 251 -11.68 -5.34 -4.07
CA ALA C 251 -13.14 -5.31 -4.02
C ALA C 251 -13.77 -4.50 -5.15
N TYR C 252 -12.99 -3.91 -6.04
CA TYR C 252 -13.51 -2.85 -6.90
C TYR C 252 -14.61 -3.35 -7.82
N GLY C 253 -14.35 -4.40 -8.57
CA GLY C 253 -15.33 -4.82 -9.56
C GLY C 253 -16.39 -5.75 -9.05
N ALA C 254 -16.59 -5.83 -7.73
CA ALA C 254 -17.49 -6.81 -7.15
C ALA C 254 -18.91 -6.64 -7.69
N GLY C 255 -19.54 -7.76 -8.00
CA GLY C 255 -20.87 -7.77 -8.55
C GLY C 255 -20.95 -7.77 -10.05
N GLN C 256 -19.82 -7.64 -10.76
CA GLN C 256 -19.82 -7.57 -12.21
C GLN C 256 -18.71 -8.44 -12.78
N THR C 257 -18.60 -9.68 -12.30
CA THR C 257 -17.59 -10.57 -12.86
C THR C 257 -17.94 -11.03 -14.27
N MET C 258 -19.20 -10.89 -14.67
CA MET C 258 -19.58 -11.29 -16.02
C MET C 258 -18.99 -10.35 -17.07
N LEU C 259 -18.92 -9.06 -16.76
CA LEU C 259 -18.26 -8.13 -17.69
C LEU C 259 -16.77 -8.43 -17.81
N ARG C 260 -16.12 -8.73 -16.69
CA ARG C 260 -14.71 -9.07 -16.71
C ARG C 260 -14.47 -10.35 -17.51
N TRP C 261 -15.32 -11.35 -17.32
CA TRP C 261 -15.14 -12.56 -18.09
C TRP C 261 -15.55 -12.39 -19.55
N GLY C 262 -16.39 -11.40 -19.84
CA GLY C 262 -16.68 -11.08 -21.22
C GLY C 262 -15.48 -10.49 -21.94
N VAL C 263 -14.79 -9.55 -21.29
CA VAL C 263 -13.58 -9.01 -21.90
C VAL C 263 -12.51 -10.09 -21.96
N ILE C 264 -12.52 -11.01 -21.00
CA ILE C 264 -11.59 -12.15 -21.05
C ILE C 264 -11.90 -13.04 -22.25
N ALA C 265 -13.18 -13.27 -22.53
CA ALA C 265 -13.56 -14.09 -23.68
C ALA C 265 -13.17 -13.40 -24.98
N ARG C 266 -13.27 -12.07 -25.03
CA ARG C 266 -12.80 -11.34 -26.20
C ARG C 266 -11.29 -11.49 -26.37
N SER C 267 -10.54 -11.39 -25.27
CA SER C 267 -9.09 -11.55 -25.35
C SER C 267 -8.71 -12.96 -25.78
N SER C 268 -9.42 -13.96 -25.28
CA SER C 268 -9.12 -15.35 -25.62
C SER C 268 -9.52 -15.72 -27.04
N ASN C 269 -10.21 -14.82 -27.75
CA ASN C 269 -10.57 -15.02 -29.15
C ASN C 269 -11.37 -16.30 -29.35
N ASN C 270 -12.30 -16.54 -28.43
CA ASN C 270 -13.13 -17.74 -28.48
C ASN C 270 -13.89 -17.80 -29.80
N ILE C 271 -13.82 -18.94 -30.47
CA ILE C 271 -14.42 -19.04 -31.81
C ILE C 271 -15.92 -18.97 -31.72
N MET C 272 -16.50 -19.49 -30.64
CA MET C 272 -17.94 -19.51 -30.53
C MET C 272 -18.52 -18.12 -30.26
N LEU C 273 -17.69 -17.11 -30.06
CA LEU C 273 -18.19 -15.74 -30.08
C LEU C 273 -18.68 -15.34 -31.46
N GLY C 274 -18.27 -16.08 -32.48
CA GLY C 274 -18.70 -15.77 -33.84
C GLY C 274 -19.97 -16.48 -34.20
N HIS C 275 -20.59 -17.13 -33.23
CA HIS C 275 -21.84 -17.85 -33.43
C HIS C 275 -22.92 -16.90 -33.92
N VAL C 276 -24.04 -17.46 -34.37
CA VAL C 276 -25.13 -16.63 -34.86
C VAL C 276 -25.80 -15.88 -33.70
N SER C 277 -26.00 -16.56 -32.58
CA SER C 277 -26.65 -15.93 -31.44
C SER C 277 -25.75 -14.89 -30.78
N VAL C 278 -24.46 -15.20 -30.66
CA VAL C 278 -23.55 -14.23 -30.06
C VAL C 278 -23.42 -13.00 -30.94
N GLN C 279 -23.36 -13.21 -32.26
CA GLN C 279 -23.32 -12.07 -33.17
C GLN C 279 -24.63 -11.28 -33.12
N ALA C 280 -25.74 -11.96 -32.83
CA ALA C 280 -27.01 -11.25 -32.71
C ALA C 280 -27.07 -10.42 -31.45
N GLU C 281 -26.40 -10.87 -30.38
CA GLU C 281 -26.48 -10.17 -29.10
C GLU C 281 -25.32 -9.20 -28.86
N LEU C 282 -24.33 -9.18 -29.75
CA LEU C 282 -23.16 -8.34 -29.54
C LEU C 282 -23.53 -6.86 -29.46
N LYS C 283 -24.62 -6.44 -30.10
CA LYS C 283 -24.98 -5.03 -30.09
C LYS C 283 -25.38 -4.58 -28.69
N GLN C 284 -26.26 -5.33 -28.05
CA GLN C 284 -26.66 -5.01 -26.67
C GLN C 284 -25.48 -5.20 -25.72
N VAL C 285 -24.60 -6.16 -26.00
CA VAL C 285 -23.41 -6.30 -25.16
C VAL C 285 -22.56 -5.04 -25.22
N THR C 286 -22.31 -4.54 -26.42
CA THR C 286 -21.53 -3.32 -26.55
C THR C 286 -22.25 -2.14 -25.91
N GLU C 287 -23.58 -2.15 -25.94
CA GLU C 287 -24.32 -1.09 -25.26
C GLU C 287 -24.10 -1.14 -23.75
N VAL C 288 -24.06 -2.33 -23.17
CA VAL C 288 -23.76 -2.46 -21.74
C VAL C 288 -22.37 -1.91 -21.44
N TYR C 289 -21.38 -2.27 -22.27
CA TYR C 289 -20.03 -1.78 -22.02
C TYR C 289 -19.93 -0.27 -22.21
N ASP C 290 -20.64 0.28 -23.20
CA ASP C 290 -20.68 1.73 -23.38
C ASP C 290 -21.32 2.41 -22.19
N LEU C 291 -22.35 1.81 -21.61
CA LEU C 291 -22.94 2.35 -20.39
C LEU C 291 -21.93 2.34 -19.25
N VAL C 292 -21.13 1.27 -19.15
CA VAL C 292 -20.07 1.23 -18.13
C VAL C 292 -19.12 2.39 -18.31
N ARG C 293 -18.68 2.63 -19.55
CA ARG C 293 -17.75 3.73 -19.81
C ARG C 293 -18.39 5.08 -19.52
N GLU C 294 -19.65 5.25 -19.89
CA GLU C 294 -20.39 6.49 -19.67
C GLU C 294 -20.60 6.78 -18.19
N MET C 295 -20.90 5.78 -17.37
CA MET C 295 -20.88 5.92 -15.93
C MET C 295 -19.51 6.31 -15.40
N GLY C 296 -18.46 5.66 -15.87
CA GLY C 296 -17.12 6.05 -15.54
C GLY C 296 -16.54 5.30 -14.36
N PRO C 297 -15.67 5.96 -13.60
CA PRO C 297 -14.92 5.25 -12.55
C PRO C 297 -15.81 4.70 -11.44
N GLU C 298 -16.99 5.27 -11.22
CA GLU C 298 -17.86 4.81 -10.15
C GLU C 298 -18.69 3.60 -10.54
N SER C 299 -18.56 3.11 -11.78
CA SER C 299 -19.35 1.97 -12.21
C SER C 299 -18.94 0.68 -11.51
N GLY C 300 -17.72 0.60 -10.99
CA GLY C 300 -17.30 -0.59 -10.28
C GLY C 300 -17.87 -0.68 -8.88
N LEU C 301 -18.15 0.46 -8.26
CA LEU C 301 -18.65 0.50 -6.90
C LEU C 301 -20.17 0.45 -6.83
N LEU C 302 -20.85 0.13 -7.93
CA LEU C 302 -22.31 0.13 -7.92
C LEU C 302 -22.87 -0.99 -7.07
N HIS C 303 -22.36 -2.21 -7.28
CA HIS C 303 -22.84 -3.35 -6.51
C HIS C 303 -22.30 -3.37 -5.09
N LEU C 304 -21.16 -2.72 -4.85
CA LEU C 304 -20.64 -2.60 -3.49
C LEU C 304 -21.50 -1.66 -2.67
N ARG C 305 -21.82 -0.49 -3.22
CA ARG C 305 -22.69 0.47 -2.57
C ARG C 305 -24.14 0.03 -2.52
N GLN C 306 -24.48 -1.07 -3.21
CA GLN C 306 -25.86 -1.48 -3.40
C GLN C 306 -26.66 -0.37 -4.07
N SER C 307 -26.05 0.26 -5.06
CA SER C 307 -26.71 1.31 -5.81
C SER C 307 -27.83 0.72 -6.64
N PRO C 308 -29.05 1.24 -6.55
CA PRO C 308 -30.14 0.69 -7.36
C PRO C 308 -29.89 0.80 -8.85
N LYS C 309 -29.01 1.70 -9.26
CA LYS C 309 -28.63 1.84 -10.66
C LYS C 309 -27.92 0.60 -11.19
N ALA C 310 -27.34 -0.22 -10.30
CA ALA C 310 -26.78 -1.48 -10.72
C ALA C 310 -27.90 -2.41 -11.18
N GLY C 311 -27.54 -3.36 -12.03
CA GLY C 311 -28.52 -4.11 -12.76
C GLY C 311 -28.79 -3.56 -14.13
N LEU C 312 -28.37 -2.32 -14.39
CA LEU C 312 -28.19 -1.82 -15.74
C LEU C 312 -26.94 -2.37 -16.39
N LEU C 313 -25.99 -2.86 -15.58
CA LEU C 313 -24.76 -3.45 -16.07
C LEU C 313 -24.84 -4.96 -16.17
N SER C 314 -26.00 -5.55 -15.92
CA SER C 314 -26.13 -6.99 -16.06
C SER C 314 -26.13 -7.39 -17.52
N LEU C 315 -25.46 -8.49 -17.83
CA LEU C 315 -25.49 -9.11 -19.14
C LEU C 315 -26.46 -10.28 -19.19
N ALA C 316 -27.51 -10.24 -18.36
CA ALA C 316 -28.41 -11.38 -18.23
C ALA C 316 -29.40 -11.47 -19.39
N ASN C 317 -29.85 -10.32 -19.93
CA ASN C 317 -30.80 -10.33 -21.03
C ASN C 317 -30.19 -10.78 -22.34
N CYS C 318 -28.86 -10.93 -22.39
CA CYS C 318 -28.15 -11.48 -23.53
C CYS C 318 -27.62 -12.85 -23.11
N PRO C 319 -28.42 -13.91 -23.21
CA PRO C 319 -28.08 -15.16 -22.55
C PRO C 319 -27.05 -16.01 -23.28
N ASN C 320 -27.04 -15.99 -24.61
CA ASN C 320 -26.11 -16.85 -25.34
C ASN C 320 -24.69 -16.32 -25.27
N PHE C 321 -24.53 -15.00 -25.23
CA PHE C 321 -23.21 -14.44 -24.98
C PHE C 321 -22.72 -14.82 -23.58
N ALA C 322 -23.63 -14.83 -22.60
CA ALA C 322 -23.25 -15.27 -21.26
C ALA C 322 -22.86 -16.74 -21.25
N SER C 323 -23.59 -17.58 -22.00
CA SER C 323 -23.24 -19.00 -22.08
C SER C 323 -21.86 -19.18 -22.68
N VAL C 324 -21.57 -18.47 -23.77
CA VAL C 324 -20.24 -18.57 -24.38
C VAL C 324 -19.17 -18.06 -23.43
N VAL C 325 -19.44 -16.96 -22.72
CA VAL C 325 -18.43 -16.42 -21.82
C VAL C 325 -18.15 -17.38 -20.67
N LEU C 326 -19.19 -17.97 -20.07
CA LEU C 326 -18.97 -18.96 -19.02
C LEU C 326 -18.27 -20.20 -19.55
N GLY C 327 -18.55 -20.61 -20.77
CA GLY C 327 -17.82 -21.73 -21.35
C GLY C 327 -16.35 -21.42 -21.57
N ASN C 328 -16.05 -20.23 -22.06
CA ASN C 328 -14.67 -19.82 -22.21
C ASN C 328 -13.95 -19.80 -20.87
N ALA C 329 -14.62 -19.26 -19.84
CA ALA C 329 -14.01 -19.22 -18.51
C ALA C 329 -13.77 -20.62 -17.99
N SER C 330 -14.73 -21.54 -18.19
CA SER C 330 -14.55 -22.91 -17.73
C SER C 330 -13.41 -23.59 -18.45
N GLY C 331 -13.29 -23.36 -19.76
CA GLY C 331 -12.17 -23.92 -20.49
C GLY C 331 -10.83 -23.41 -20.00
N LEU C 332 -10.75 -22.12 -19.74
CA LEU C 332 -9.54 -21.54 -19.15
C LEU C 332 -9.31 -22.00 -17.72
N GLY C 333 -10.31 -22.64 -17.10
CA GLY C 333 -10.18 -23.05 -15.71
C GLY C 333 -10.48 -21.96 -14.72
N ILE C 334 -10.79 -20.75 -15.20
CA ILE C 334 -11.01 -19.60 -14.35
C ILE C 334 -12.36 -19.65 -13.64
N ILE C 335 -13.32 -20.44 -14.13
CA ILE C 335 -14.68 -20.36 -13.63
C ILE C 335 -14.76 -20.70 -12.14
N GLY C 336 -13.87 -21.55 -11.66
CA GLY C 336 -13.88 -21.89 -10.25
C GLY C 336 -15.19 -22.50 -9.85
N MET C 337 -15.76 -21.99 -8.76
CA MET C 337 -17.05 -22.43 -8.25
C MET C 337 -18.13 -21.38 -8.46
N TYR C 338 -17.99 -20.56 -9.50
CA TYR C 338 -18.97 -19.54 -9.83
C TYR C 338 -20.30 -20.18 -10.15
N ARG C 339 -21.33 -19.88 -9.36
CA ARG C 339 -22.62 -20.53 -9.50
C ARG C 339 -23.54 -19.84 -10.49
N GLY C 340 -23.03 -18.93 -11.31
CA GLY C 340 -23.88 -18.27 -12.27
C GLY C 340 -24.50 -19.26 -13.25
N ARG C 341 -25.72 -18.96 -13.68
CA ARG C 341 -26.46 -19.89 -14.52
C ARG C 341 -25.92 -19.87 -15.94
N VAL C 342 -25.92 -21.04 -16.58
CA VAL C 342 -25.59 -21.17 -17.99
C VAL C 342 -26.89 -21.34 -18.76
N PRO C 343 -27.35 -20.33 -19.51
CA PRO C 343 -28.65 -20.47 -20.18
C PRO C 343 -28.67 -21.57 -21.23
N ASN C 344 -27.74 -21.54 -22.19
CA ASN C 344 -27.69 -22.54 -23.24
C ASN C 344 -26.47 -23.42 -23.02
N THR C 345 -26.71 -24.73 -22.88
CA THR C 345 -25.65 -25.67 -22.55
C THR C 345 -24.77 -26.03 -23.74
N GLU C 346 -25.32 -26.08 -24.95
CA GLU C 346 -24.51 -26.42 -26.12
C GLU C 346 -23.40 -25.39 -26.35
N LEU C 347 -23.76 -24.11 -26.29
CA LEU C 347 -22.76 -23.07 -26.46
C LEU C 347 -21.71 -23.12 -25.37
N PHE C 348 -22.14 -23.38 -24.14
CA PHE C 348 -21.19 -23.48 -23.03
C PHE C 348 -20.20 -24.61 -23.26
N SER C 349 -20.70 -25.78 -23.65
CA SER C 349 -19.83 -26.94 -23.85
C SER C 349 -18.86 -26.71 -25.00
N ALA C 350 -19.35 -26.20 -26.13
CA ALA C 350 -18.47 -25.94 -27.26
C ALA C 350 -17.42 -24.89 -26.89
N ALA C 351 -17.85 -23.87 -26.14
CA ALA C 351 -16.93 -22.82 -25.74
C ALA C 351 -15.82 -23.37 -24.86
N GLU C 352 -16.17 -24.25 -23.90
CA GLU C 352 -15.12 -24.77 -23.04
C GLU C 352 -14.21 -25.72 -23.80
N SER C 353 -14.76 -26.48 -24.75
CA SER C 353 -13.92 -27.32 -25.59
C SER C 353 -12.87 -26.50 -26.31
N TYR C 354 -13.29 -25.44 -27.00
CA TYR C 354 -12.33 -24.62 -27.72
C TYR C 354 -11.36 -23.93 -26.76
N ALA C 355 -11.86 -23.46 -25.62
CA ALA C 355 -10.99 -22.75 -24.70
C ALA C 355 -9.89 -23.66 -24.15
N LYS C 356 -10.26 -24.90 -23.79
CA LYS C 356 -9.26 -25.86 -23.34
C LYS C 356 -8.28 -26.19 -24.46
N SER C 357 -8.78 -26.35 -25.68
CA SER C 357 -7.90 -26.67 -26.79
C SER C 357 -6.88 -25.56 -27.04
N LEU C 358 -7.32 -24.31 -26.93
CA LEU C 358 -6.40 -23.19 -27.08
C LEU C 358 -5.43 -23.10 -25.92
N LYS C 359 -5.90 -23.33 -24.70
CA LYS C 359 -5.03 -23.22 -23.52
C LYS C 359 -3.93 -24.27 -23.56
N GLU C 360 -4.28 -25.51 -23.94
CA GLU C 360 -3.31 -26.60 -23.92
C GLU C 360 -2.19 -26.36 -24.92
N SER C 361 -2.52 -25.86 -26.11
CA SER C 361 -1.54 -25.67 -27.16
C SER C 361 -0.69 -24.44 -26.89
N ASN C 362 0.63 -24.60 -27.04
CA ASN C 362 1.58 -23.50 -26.89
C ASN C 362 1.98 -23.02 -28.26
N LYS C 363 1.65 -21.77 -28.58
CA LYS C 363 1.92 -21.20 -29.88
C LYS C 363 2.61 -19.86 -29.75
N ILE C 364 3.42 -19.53 -30.74
CA ILE C 364 4.14 -18.26 -30.82
C ILE C 364 3.68 -17.52 -32.07
N ASN C 365 3.30 -16.26 -31.89
CA ASN C 365 2.85 -15.44 -33.02
C ASN C 365 4.02 -14.72 -33.68
#